data_9M8V
#
_entry.id   9M8V
#
loop_
_entity.id
_entity.type
_entity.pdbx_description
1 polymer 'Soluble cytochrome b562,G-protein coupled receptor 3'
2 polymer 'Isoform Gnas-2 of Guanine nucleotide-binding protein G(s) subunit alpha isoforms short'
3 polymer 'Guanine nucleotide-binding protein G(I)/G(S)/G(T) subunit beta-1'
4 polymer 'Guanine nucleotide-binding protein G(I)/G(S)/G(O) subunit gamma-2'
5 non-polymer N-[(4-chloranyl-2-propan-2-yloxy-phenyl)methyl]-5-phenyl-[1,2,4]triazolo[1,5-a]pyrimidin-7-amine
6 non-polymer 1-DODECANOL
7 water water
#
loop_
_entity_poly.entity_id
_entity_poly.type
_entity_poly.pdbx_seq_one_letter_code
_entity_poly.pdbx_strand_id
1 'polypeptide(L)'
;DYKDDDDKLEVLFQGPGSADLEDNWETLNDNLKVIEKADNAAQVKDALTKMRAAALDAQKATPPKLEDKSPDSPEMKDFR
HGFDILVGQIDDALKLANEGKVKEAQAAAEQLKTTRNAYIQKYLMMWGAGSPLAWLSAGSGNVNVSSVGPAEGPTGPAAP
LPSPKAWDVVLCISGTLVSCENALVVAIIVGTPAFRAPMFLLVGSLAVADLLAGLGLVLHFAAVFCIGSAEMSLVLVGVL
AMAFTASIGSLLAITVDRYLSLYNALTYYSETTVTRTYVMLALVWGGALGLGLLPVLAWNCLDGLTTCGVVYPLSKNHLV
VLAIAFFMVFGIMLQLYAQICRIVCRHAQQIALQRHLLPASHYVATRKGIATLAVVLGAFAACWLPFTVYCLLGDAHSPP
LYTYLTLLPATYNSMINPIIYAFRNQDVQKVLWAVCCCCSSSKIPFRSRSPSDVLEHHHHHHHHHH
;
A,E
2 'polypeptide(L)'
;MGCTLSAEDKAAVERSKMIEKQLQKDKQVYRATHRLLLLGAGESGKSTIVKQMRILHVNGFNGDSEKATKVQDIKNNLKE
AIETIVAAMSNLVPPVELANPENQFRVDYILSVMNVPDFDFPPEFYEHAKALWEDEGVRACYERSNEYQLIDCAQYFLDK
IDVIKQADYVPSDQDLLRCRVLTSGIFETKFQVDKVNFHMFDVGGQRDERRKWIQCFNDVTAIIFVVASSSYNMVIREDN
QTNRLQEALNLFKSIWNNRWLRTISVILFLNKQDLLAEKVLAGKSKIEDYFPEFARYTTPEDATPEPGEDPRVTRAKYFI
RDEFLRISTASGDGRHYCYPHFTCAVDTENIRRVFNDCRDIIQRMHLRQYELL
;
B
3 'polypeptide(L)'
;HHHHHHLEVLFQGPGSSGSELDQLRQEAEQLKNQIRDARKACADATLSQITNNIDPVGRIQMRTRRTLRGHLAKIYAMHW
GTDSRLLVSASQDGKLIIWDSYTTNKVHAIPLRSSWVMTCAYAPSGNYVACGGLDNICSIYNLKTREGNVRVSRELAGHT
GYLSCCRFLDDNQIVTSSGDTTCALWDIETGQQTTTFTGHTGDVMSLSLAPDTRLFVSGACDASAKLWDVREGMCRQTFT
GHESDINAICFFPNGNAFATGSDDATCRLFDLRADQELMTYSHDNIICGITSVSFSKSGRLLLAGYDDFNCNVWDALKAD
RAGVLAGHDNRVSCLGVTDDGMAVATGSWDSFLKIWN
;
C
4 'polypeptide(L)' MASNNTASIAQARKLVEQLKMEANIDRIKVSKAAADLMAYCEAHAKEDPLLTPVPASENPFREKKFFCAIL D
#
loop_
_chem_comp.id
_chem_comp.type
_chem_comp.name
_chem_comp.formula
1DO non-polymer 1-DODECANOL 'C12 H26 O'
A1EM2 non-polymer N-[(4-chloranyl-2-propan-2-yloxy-phenyl)methyl]-5-phenyl-[1,2,4]triazolo[1,5-a]pyrimidin-7-amine 'C21 H20 Cl N5 O'
#
# COMPACT_ATOMS: atom_id res chain seq x y z
N PRO A 160 46.81 -9.39 34.70
CA PRO A 160 46.07 -10.64 34.89
C PRO A 160 44.64 -10.55 34.38
N LEU A 161 44.38 -11.09 33.19
CA LEU A 161 43.07 -11.06 32.57
C LEU A 161 42.66 -12.45 32.14
N PRO A 162 41.36 -12.73 32.06
CA PRO A 162 40.91 -14.07 31.72
C PRO A 162 41.16 -14.41 30.25
N SER A 163 41.20 -15.72 29.98
CA SER A 163 41.42 -16.23 28.64
C SER A 163 40.08 -16.51 27.98
N PRO A 164 39.76 -15.89 26.83
CA PRO A 164 38.44 -16.11 26.23
C PRO A 164 38.26 -17.56 25.79
N LYS A 165 37.00 -18.01 25.85
CA LYS A 165 36.62 -19.33 25.37
C LYS A 165 36.04 -19.21 23.96
N ALA A 166 35.86 -20.37 23.32
CA ALA A 166 35.38 -20.38 21.94
C ALA A 166 33.99 -19.78 21.84
N TRP A 167 33.10 -20.11 22.79
CA TRP A 167 31.73 -19.62 22.73
C TRP A 167 31.69 -18.10 22.73
N ASP A 168 32.58 -17.47 23.51
CA ASP A 168 32.63 -16.01 23.52
C ASP A 168 33.00 -15.46 22.15
N VAL A 169 33.95 -16.10 21.47
CA VAL A 169 34.31 -15.68 20.12
C VAL A 169 33.13 -15.83 19.18
N VAL A 170 32.40 -16.95 19.30
CA VAL A 170 31.23 -17.15 18.45
C VAL A 170 30.21 -16.04 18.68
N LEU A 171 29.96 -15.71 19.95
CA LEU A 171 29.00 -14.64 20.25
C LEU A 171 29.46 -13.31 19.67
N CYS A 172 30.76 -13.00 19.79
CA CYS A 172 31.25 -11.73 19.27
C CYS A 172 31.10 -11.67 17.75
N ILE A 173 31.43 -12.75 17.05
CA ILE A 173 31.32 -12.72 15.60
C ILE A 173 29.86 -12.61 15.15
N SER A 174 28.96 -13.30 15.87
CA SER A 174 27.54 -13.16 15.56
C SER A 174 27.07 -11.74 15.78
N GLY A 175 27.53 -11.10 16.87
CA GLY A 175 27.18 -9.72 17.10
C GLY A 175 27.68 -8.80 16.00
N THR A 176 28.91 -9.03 15.53
CA THR A 176 29.44 -8.21 14.44
C THR A 176 28.63 -8.39 13.16
N LEU A 177 28.28 -9.64 12.84
CA LEU A 177 27.46 -9.88 11.64
C LEU A 177 26.10 -9.19 11.75
N VAL A 178 25.46 -9.29 12.91
CA VAL A 178 24.17 -8.64 13.09
C VAL A 178 24.32 -7.14 12.95
N SER A 179 25.37 -6.57 13.56
CA SER A 179 25.58 -5.13 13.46
C SER A 179 25.75 -4.71 12.01
N CYS A 180 26.55 -5.45 11.24
CA CYS A 180 26.78 -5.10 9.85
C CYS A 180 25.50 -5.16 9.04
N GLU A 181 24.74 -6.25 9.18
CA GLU A 181 23.51 -6.38 8.40
C GLU A 181 22.52 -5.28 8.74
N ASN A 182 22.32 -5.01 10.03
CA ASN A 182 21.35 -4.00 10.41
C ASN A 182 21.82 -2.60 10.01
N ALA A 183 23.12 -2.36 10.05
CA ALA A 183 23.66 -1.09 9.56
C ALA A 183 23.37 -0.93 8.08
N LEU A 184 23.58 -1.99 7.29
CA LEU A 184 23.26 -1.92 5.87
C LEU A 184 21.79 -1.63 5.65
N VAL A 185 20.91 -2.32 6.37
CA VAL A 185 19.47 -2.13 6.17
C VAL A 185 19.06 -0.71 6.53
N VAL A 186 19.53 -0.20 7.67
CA VAL A 186 19.15 1.15 8.07
C VAL A 186 19.73 2.17 7.10
N ALA A 187 20.93 1.91 6.57
CA ALA A 187 21.49 2.80 5.56
C ALA A 187 20.61 2.84 4.32
N ILE A 188 20.13 1.68 3.88
CA ILE A 188 19.24 1.65 2.71
C ILE A 188 17.97 2.43 3.01
N ILE A 189 17.38 2.20 4.19
CA ILE A 189 16.12 2.85 4.52
C ILE A 189 16.29 4.37 4.60
N VAL A 190 17.37 4.82 5.26
CA VAL A 190 17.56 6.25 5.46
C VAL A 190 18.11 6.94 4.23
N GLY A 191 18.35 6.20 3.16
CA GLY A 191 19.02 6.75 1.99
C GLY A 191 18.17 7.70 1.17
N THR A 192 16.85 7.55 1.22
CA THR A 192 15.94 8.36 0.42
C THR A 192 14.85 8.91 1.33
N PRO A 193 14.40 10.16 1.14
CA PRO A 193 13.29 10.67 1.95
C PRO A 193 11.93 10.15 1.52
N ALA A 194 11.90 9.34 0.47
CA ALA A 194 10.65 8.79 -0.06
C ALA A 194 10.17 7.55 0.69
N PHE A 195 10.97 7.03 1.61
CA PHE A 195 10.61 5.84 2.37
C PHE A 195 9.99 6.19 3.72
N ARG A 196 9.51 7.42 3.90
CA ARG A 196 8.93 7.85 5.18
C ARG A 196 7.50 7.33 5.32
N ALA A 197 7.39 5.98 5.32
CA ALA A 197 6.10 5.32 5.45
C ALA A 197 5.96 4.65 6.81
N PRO A 198 4.73 4.46 7.30
CA PRO A 198 4.58 3.83 8.62
C PRO A 198 5.27 2.48 8.74
N MET A 199 5.00 1.57 7.80
CA MET A 199 5.62 0.25 7.86
C MET A 199 7.14 0.37 7.77
N PHE A 200 7.63 1.20 6.85
CA PHE A 200 9.07 1.38 6.74
C PHE A 200 9.64 2.08 7.97
N LEU A 201 8.89 2.98 8.58
CA LEU A 201 9.35 3.60 9.82
C LEU A 201 9.51 2.55 10.92
N LEU A 202 8.54 1.64 11.05
CA LEU A 202 8.65 0.59 12.05
C LEU A 202 9.82 -0.34 11.73
N VAL A 203 10.03 -0.65 10.45
CA VAL A 203 11.16 -1.49 10.07
C VAL A 203 12.47 -0.79 10.44
N GLY A 204 12.55 0.51 10.23
CA GLY A 204 13.73 1.26 10.62
C GLY A 204 13.95 1.22 12.12
N SER A 205 12.87 1.33 12.90
CA SER A 205 12.99 1.23 14.34
C SER A 205 13.53 -0.13 14.75
N LEU A 206 13.01 -1.20 14.13
CA LEU A 206 13.52 -2.54 14.40
C LEU A 206 15.01 -2.64 14.07
N ALA A 207 15.41 -2.09 12.93
CA ALA A 207 16.82 -2.14 12.54
C ALA A 207 17.68 -1.37 13.53
N VAL A 208 17.20 -0.22 14.01
CA VAL A 208 17.95 0.55 14.99
C VAL A 208 18.12 -0.24 16.27
N ALA A 209 17.05 -0.89 16.73
CA ALA A 209 17.14 -1.68 17.96
C ALA A 209 18.14 -2.81 17.81
N ASP A 210 18.09 -3.53 16.68
CA ASP A 210 19.03 -4.63 16.48
C ASP A 210 20.46 -4.11 16.37
N LEU A 211 20.66 -2.95 15.74
CA LEU A 211 21.99 -2.35 15.67
C LEU A 211 22.51 -2.02 17.06
N LEU A 212 21.66 -1.46 17.91
CA LEU A 212 22.07 -1.20 19.28
C LEU A 212 22.45 -2.49 19.99
N ALA A 213 21.67 -3.55 19.79
CA ALA A 213 21.99 -4.83 20.42
C ALA A 213 23.36 -5.33 19.98
N GLY A 214 23.61 -5.33 18.67
CA GLY A 214 24.89 -5.83 18.17
C GLY A 214 26.07 -4.99 18.63
N LEU A 215 25.92 -3.66 18.56
CA LEU A 215 27.01 -2.78 18.99
C LEU A 215 27.30 -2.97 20.48
N GLY A 216 26.25 -3.06 21.30
CA GLY A 216 26.45 -3.31 22.72
C GLY A 216 27.14 -4.63 22.98
N LEU A 217 26.75 -5.68 22.26
CA LEU A 217 27.38 -6.98 22.46
C LEU A 217 28.86 -6.94 22.12
N VAL A 218 29.20 -6.34 20.98
CA VAL A 218 30.61 -6.31 20.57
C VAL A 218 31.41 -5.44 21.52
N LEU A 219 30.85 -4.29 21.95
CA LEU A 219 31.56 -3.45 22.90
C LEU A 219 31.77 -4.16 24.23
N HIS A 220 30.77 -4.92 24.68
CA HIS A 220 30.93 -5.69 25.91
C HIS A 220 32.02 -6.72 25.78
N PHE A 221 32.06 -7.44 24.65
CA PHE A 221 33.12 -8.41 24.44
C PHE A 221 34.49 -7.73 24.45
N ALA A 222 34.60 -6.58 23.80
CA ALA A 222 35.88 -5.87 23.74
C ALA A 222 36.23 -5.18 25.06
N ALA A 223 35.28 -5.06 25.99
CA ALA A 223 35.52 -4.39 27.25
C ALA A 223 35.71 -5.35 28.41
N VAL A 224 35.88 -6.65 28.14
CA VAL A 224 36.06 -7.66 29.18
C VAL A 224 37.33 -8.47 28.96
N PHE A 225 37.52 -9.01 27.75
CA PHE A 225 38.64 -9.90 27.47
C PHE A 225 39.79 -9.24 26.75
N CYS A 226 39.61 -8.01 26.25
CA CYS A 226 40.69 -7.25 25.63
C CYS A 226 41.08 -6.03 26.42
N ILE A 227 40.14 -5.16 26.73
CA ILE A 227 40.37 -4.00 27.59
C ILE A 227 40.03 -4.41 29.02
N GLY A 228 41.05 -4.59 29.85
CA GLY A 228 40.84 -5.05 31.20
C GLY A 228 39.98 -4.11 32.02
N SER A 229 38.74 -4.53 32.29
CA SER A 229 37.83 -3.74 33.11
C SER A 229 36.54 -4.53 33.28
N ALA A 230 35.86 -4.28 34.39
CA ALA A 230 34.56 -4.90 34.67
C ALA A 230 33.50 -3.94 35.15
N GLU A 231 33.87 -2.78 35.71
CA GLU A 231 32.87 -1.86 36.24
C GLU A 231 31.96 -1.28 35.16
N MET A 232 32.47 -1.11 33.94
CA MET A 232 31.67 -0.56 32.85
C MET A 232 30.79 -1.59 32.17
N SER A 233 31.06 -2.88 32.36
CA SER A 233 30.27 -3.91 31.69
C SER A 233 28.82 -3.90 32.14
N LEU A 234 28.53 -3.39 33.34
CA LEU A 234 27.14 -3.35 33.80
C LEU A 234 26.28 -2.49 32.88
N VAL A 235 26.81 -1.33 32.47
CA VAL A 235 26.08 -0.48 31.54
C VAL A 235 25.89 -1.22 30.22
N LEU A 236 26.87 -2.01 29.81
CA LEU A 236 26.73 -2.78 28.57
C LEU A 236 25.60 -3.79 28.66
N VAL A 237 25.50 -4.51 29.78
CA VAL A 237 24.42 -5.48 29.94
C VAL A 237 23.08 -4.76 29.99
N GLY A 238 23.02 -3.60 30.64
CA GLY A 238 21.79 -2.82 30.62
C GLY A 238 21.40 -2.41 29.21
N VAL A 239 22.37 -2.00 28.40
CA VAL A 239 22.09 -1.63 27.02
C VAL A 239 21.58 -2.83 26.24
N LEU A 240 22.17 -4.01 26.47
CA LEU A 240 21.68 -5.21 25.80
C LEU A 240 20.24 -5.51 26.18
N ALA A 241 19.90 -5.36 27.47
CA ALA A 241 18.53 -5.59 27.90
C ALA A 241 17.58 -4.62 27.22
N MET A 242 17.96 -3.34 27.19
CA MET A 242 17.12 -2.34 26.53
C MET A 242 16.94 -2.66 25.06
N ALA A 243 18.01 -3.05 24.37
CA ALA A 243 17.92 -3.35 22.94
C ALA A 243 17.03 -4.56 22.69
N PHE A 244 17.15 -5.60 23.51
CA PHE A 244 16.32 -6.78 23.31
C PHE A 244 14.85 -6.47 23.55
N THR A 245 14.54 -5.72 24.62
CA THR A 245 13.16 -5.35 24.86
C THR A 245 12.62 -4.51 23.71
N ALA A 246 13.44 -3.57 23.21
CA ALA A 246 13.01 -2.76 22.08
C ALA A 246 12.75 -3.62 20.84
N SER A 247 13.60 -4.62 20.61
CA SER A 247 13.40 -5.49 19.46
C SER A 247 12.08 -6.24 19.56
N ILE A 248 11.80 -6.80 20.73
CA ILE A 248 10.53 -7.54 20.91
C ILE A 248 9.34 -6.60 20.71
N GLY A 249 9.40 -5.42 21.33
CA GLY A 249 8.32 -4.47 21.18
C GLY A 249 8.11 -4.04 19.73
N SER A 250 9.21 -3.82 19.00
CA SER A 250 9.12 -3.42 17.61
C SER A 250 8.52 -4.53 16.76
N LEU A 251 8.90 -5.78 17.02
CA LEU A 251 8.30 -6.88 16.28
C LEU A 251 6.80 -6.97 16.54
N LEU A 252 6.40 -6.81 17.82
CA LEU A 252 4.97 -6.80 18.12
C LEU A 252 4.28 -5.65 17.41
N ALA A 253 4.93 -4.48 17.37
CA ALA A 253 4.35 -3.33 16.69
C ALA A 253 4.14 -3.61 15.21
N ILE A 254 5.13 -4.19 14.55
CA ILE A 254 5.02 -4.50 13.14
C ILE A 254 3.90 -5.50 12.91
N THR A 255 3.79 -6.51 13.76
CA THR A 255 2.72 -7.50 13.60
C THR A 255 1.35 -6.86 13.79
N VAL A 256 1.21 -5.96 14.77
CA VAL A 256 -0.07 -5.32 15.03
C VAL A 256 -0.46 -4.44 13.84
N ASP A 257 0.48 -3.63 13.36
CA ASP A 257 0.17 -2.75 12.23
C ASP A 257 -0.14 -3.54 10.97
N ARG A 258 0.34 -4.77 10.86
CA ARG A 258 0.01 -5.63 9.72
C ARG A 258 -1.45 -6.05 9.72
N TYR A 259 -2.18 -5.87 10.83
CA TYR A 259 -3.58 -6.27 10.91
C TYR A 259 -4.54 -5.09 10.83
N LEU A 260 -4.16 -3.90 11.24
CA LEU A 260 -5.00 -2.73 11.10
C LEU A 260 -4.95 -2.15 9.69
N SER A 261 -4.07 -2.66 8.84
CA SER A 261 -4.08 -2.34 7.42
C SER A 261 -4.80 -3.39 6.58
N LEU A 262 -5.01 -4.58 7.11
CA LEU A 262 -5.79 -5.62 6.45
C LEU A 262 -7.23 -5.66 6.94
N TYR A 263 -7.62 -4.71 7.81
CA TYR A 263 -8.97 -4.63 8.33
C TYR A 263 -9.59 -3.24 8.21
N ASN A 264 -8.79 -2.19 8.09
CA ASN A 264 -9.27 -0.83 7.87
C ASN A 264 -8.82 -0.33 6.50
N ALA A 265 -8.96 -1.19 5.49
CA ALA A 265 -8.43 -0.93 4.16
C ALA A 265 -9.04 0.32 3.54
N LEU A 266 -10.18 0.77 4.04
CA LEU A 266 -10.85 1.94 3.51
C LEU A 266 -10.57 3.22 4.29
N THR A 267 -9.82 3.13 5.40
CA THR A 267 -9.47 4.31 6.19
C THR A 267 -7.97 4.46 6.39
N TYR A 268 -7.17 3.57 5.81
CA TYR A 268 -5.72 3.66 5.92
C TYR A 268 -5.28 4.86 5.08
N TYR A 269 -4.00 5.26 5.18
CA TYR A 269 -3.53 6.50 4.56
C TYR A 269 -4.25 7.71 5.14
N SER A 270 -4.07 7.90 6.45
CA SER A 270 -4.69 9.02 7.15
C SER A 270 -3.89 9.29 8.41
N GLU A 271 -4.16 10.45 9.01
CA GLU A 271 -3.46 10.84 10.23
C GLU A 271 -3.69 9.84 11.36
N THR A 272 -4.77 9.05 11.29
CA THR A 272 -5.02 8.06 12.31
C THR A 272 -3.88 7.05 12.39
N THR A 273 -3.41 6.58 11.23
CA THR A 273 -2.30 5.64 11.21
C THR A 273 -1.04 6.27 11.77
N VAL A 274 -0.77 7.53 11.42
CA VAL A 274 0.41 8.21 11.93
C VAL A 274 0.36 8.30 13.45
N THR A 275 -0.79 8.70 13.99
CA THR A 275 -0.92 8.80 15.44
C THR A 275 -0.76 7.44 16.09
N ARG A 276 -1.38 6.41 15.52
CA ARG A 276 -1.27 5.07 16.09
C ARG A 276 0.18 4.61 16.14
N THR A 277 0.91 4.74 15.02
CA THR A 277 2.28 4.26 14.98
C THR A 277 3.17 5.09 15.90
N TYR A 278 2.95 6.40 15.98
CA TYR A 278 3.75 7.22 16.88
C TYR A 278 3.54 6.78 18.32
N VAL A 279 2.28 6.64 18.75
CA VAL A 279 2.01 6.27 20.14
C VAL A 279 2.57 4.89 20.44
N MET A 280 2.39 3.94 19.51
CA MET A 280 2.85 2.58 19.74
C MET A 280 4.37 2.52 19.83
N LEU A 281 5.08 3.22 18.94
CA LEU A 281 6.52 3.26 19.01
C LEU A 281 7.00 3.90 20.30
N ALA A 282 6.34 4.99 20.72
CA ALA A 282 6.72 5.64 21.96
C ALA A 282 6.56 4.69 23.14
N LEU A 283 5.45 3.95 23.19
CA LEU A 283 5.25 3.00 24.27
C LEU A 283 6.31 1.90 24.25
N VAL A 284 6.62 1.38 23.05
CA VAL A 284 7.62 0.32 22.95
C VAL A 284 8.96 0.81 23.48
N TRP A 285 9.39 2.01 23.05
CA TRP A 285 10.69 2.49 23.47
C TRP A 285 10.70 2.87 24.95
N GLY A 286 9.58 3.37 25.48
CA GLY A 286 9.51 3.61 26.91
C GLY A 286 9.64 2.34 27.72
N GLY A 287 8.97 1.27 27.30
CA GLY A 287 9.11 0.00 27.97
C GLY A 287 10.53 -0.54 27.90
N ALA A 288 11.16 -0.41 26.73
CA ALA A 288 12.54 -0.84 26.59
C ALA A 288 13.45 -0.06 27.52
N LEU A 289 13.25 1.26 27.60
CA LEU A 289 14.05 2.08 28.49
C LEU A 289 13.86 1.66 29.94
N GLY A 290 12.61 1.40 30.34
CA GLY A 290 12.37 0.96 31.71
C GLY A 290 13.04 -0.35 32.02
N LEU A 291 12.93 -1.32 31.11
CA LEU A 291 13.53 -2.63 31.34
C LEU A 291 15.06 -2.59 31.29
N GLY A 292 15.63 -1.64 30.57
CA GLY A 292 17.07 -1.48 30.56
C GLY A 292 17.59 -0.72 31.77
N LEU A 293 16.74 0.14 32.33
CA LEU A 293 17.11 0.87 33.53
C LEU A 293 16.95 0.03 34.79
N LEU A 294 16.01 -0.90 34.80
CA LEU A 294 15.77 -1.71 36.00
C LEU A 294 17.03 -2.40 36.52
N PRO A 295 17.87 -3.02 35.68
CA PRO A 295 19.10 -3.66 36.19
C PRO A 295 20.13 -2.67 36.71
N VAL A 296 19.88 -1.37 36.64
CA VAL A 296 20.80 -0.36 37.13
C VAL A 296 20.12 0.41 38.25
N LEU A 297 19.28 -0.28 39.01
CA LEU A 297 18.46 0.36 40.04
C LEU A 297 18.55 -0.48 41.30
N ALA A 298 17.67 -0.22 42.27
CA ALA A 298 17.73 -0.90 43.55
C ALA A 298 17.65 -2.41 43.42
N TRP A 299 17.05 -2.91 42.35
CA TRP A 299 16.89 -4.36 42.16
C TRP A 299 18.06 -4.90 41.32
N ASN A 300 19.23 -4.94 41.96
CA ASN A 300 20.44 -5.50 41.37
C ASN A 300 21.06 -6.49 42.35
N CYS A 301 21.72 -7.51 41.80
CA CYS A 301 22.34 -8.55 42.60
C CYS A 301 23.77 -8.22 43.00
N LEU A 302 24.30 -7.06 42.57
CA LEU A 302 25.67 -6.71 42.91
C LEU A 302 25.84 -6.47 44.40
N ASP A 303 24.87 -5.82 45.04
CA ASP A 303 24.96 -5.52 46.46
C ASP A 303 24.95 -6.76 47.35
N GLY A 304 24.54 -7.91 46.81
CA GLY A 304 24.52 -9.14 47.58
C GLY A 304 23.28 -9.33 48.43
N LEU A 305 22.36 -8.37 48.45
CA LEU A 305 21.12 -8.48 49.21
C LEU A 305 20.00 -9.11 48.41
N THR A 306 20.33 -9.86 47.35
CA THR A 306 19.35 -10.49 46.50
C THR A 306 19.98 -11.74 45.89
N THR A 307 19.18 -12.55 45.21
CA THR A 307 19.64 -13.81 44.63
C THR A 307 19.97 -13.59 43.16
N CYS A 308 21.21 -13.89 42.78
CA CYS A 308 21.60 -13.85 41.38
C CYS A 308 21.00 -15.02 40.62
N GLY A 309 20.74 -14.80 39.33
CA GLY A 309 20.14 -15.82 38.49
C GLY A 309 21.14 -16.52 37.59
N VAL A 310 20.66 -17.03 36.45
CA VAL A 310 21.53 -17.75 35.52
C VAL A 310 22.45 -16.82 34.74
N VAL A 311 22.37 -15.51 34.98
CA VAL A 311 23.21 -14.52 34.32
C VAL A 311 24.01 -13.79 35.39
N TYR A 312 25.32 -13.68 35.18
CA TYR A 312 26.24 -13.35 36.26
C TYR A 312 25.89 -12.06 36.99
N PRO A 313 25.61 -10.93 36.33
CA PRO A 313 25.28 -9.71 37.08
C PRO A 313 23.79 -9.52 37.33
N LEU A 314 22.96 -10.34 36.71
CA LEU A 314 21.51 -10.16 36.79
C LEU A 314 20.99 -10.74 38.11
N SER A 315 19.67 -10.86 38.22
CA SER A 315 19.01 -11.36 39.42
C SER A 315 17.88 -12.29 38.98
N LYS A 316 17.00 -12.62 39.93
CA LYS A 316 15.89 -13.52 39.67
C LYS A 316 14.61 -12.78 39.28
N ASN A 317 14.28 -11.71 39.99
CA ASN A 317 13.01 -11.02 39.73
C ASN A 317 12.97 -10.46 38.32
N HIS A 318 14.07 -9.86 37.87
CA HIS A 318 14.09 -9.23 36.55
C HIS A 318 13.82 -10.27 35.46
N LEU A 319 14.47 -11.43 35.54
CA LEU A 319 14.26 -12.46 34.53
C LEU A 319 12.82 -12.95 34.57
N VAL A 320 12.25 -13.10 35.76
CA VAL A 320 10.88 -13.59 35.87
C VAL A 320 9.91 -12.61 35.23
N VAL A 321 10.04 -11.32 35.53
CA VAL A 321 9.12 -10.34 34.96
C VAL A 321 9.30 -10.25 33.45
N LEU A 322 10.55 -10.34 32.98
CA LEU A 322 10.78 -10.33 31.54
C LEU A 322 10.12 -11.52 30.87
N ALA A 323 10.24 -12.71 31.47
CA ALA A 323 9.63 -13.90 30.90
C ALA A 323 8.11 -13.77 30.86
N ILE A 324 7.52 -13.23 31.92
CA ILE A 324 6.07 -13.06 31.95
C ILE A 324 5.61 -12.11 30.85
N ALA A 325 6.31 -10.97 30.71
CA ALA A 325 5.94 -10.04 29.65
C ALA A 325 6.08 -10.67 28.28
N PHE A 326 7.18 -11.42 28.06
CA PHE A 326 7.37 -12.06 26.77
C PHE A 326 6.27 -13.06 26.47
N PHE A 327 5.86 -13.83 27.48
CA PHE A 327 4.79 -14.80 27.27
C PHE A 327 3.48 -14.12 26.91
N MET A 328 3.15 -13.03 27.61
CA MET A 328 1.93 -12.31 27.28
C MET A 328 1.97 -11.79 25.85
N VAL A 329 3.10 -11.21 25.45
CA VAL A 329 3.22 -10.70 24.08
C VAL A 329 3.11 -11.83 23.08
N PHE A 330 3.66 -13.01 23.42
CA PHE A 330 3.55 -14.16 22.54
C PHE A 330 2.09 -14.55 22.35
N GLY A 331 1.31 -14.53 23.43
CA GLY A 331 -0.11 -14.80 23.29
C GLY A 331 -0.81 -13.82 22.37
N ILE A 332 -0.51 -12.53 22.54
CA ILE A 332 -1.14 -11.53 21.68
C ILE A 332 -0.80 -11.79 20.22
N MET A 333 0.48 -12.07 19.95
CA MET A 333 0.90 -12.34 18.57
C MET A 333 0.20 -13.57 18.01
N LEU A 334 0.05 -14.62 18.83
CA LEU A 334 -0.66 -15.80 18.37
C LEU A 334 -2.09 -15.47 17.95
N GLN A 335 -2.79 -14.69 18.77
CA GLN A 335 -4.16 -14.32 18.42
C GLN A 335 -4.19 -13.51 17.12
N LEU A 336 -3.25 -12.57 16.96
CA LEU A 336 -3.25 -11.74 15.76
C LEU A 336 -3.01 -12.58 14.51
N TYR A 337 -2.10 -13.48 14.61
CA TYR A 337 -1.98 -14.26 13.39
C TYR A 337 -3.29 -14.97 13.22
N ALA A 338 -3.76 -15.68 14.20
CA ALA A 338 -4.97 -16.45 13.97
C ALA A 338 -5.98 -15.64 13.16
N GLN A 339 -6.20 -14.38 13.55
CA GLN A 339 -7.17 -13.56 12.81
C GLN A 339 -6.71 -13.32 11.37
N ILE A 340 -5.42 -13.04 11.18
CA ILE A 340 -4.91 -12.80 9.82
C ILE A 340 -5.08 -14.06 8.98
N CYS A 341 -4.83 -15.23 9.56
CA CYS A 341 -5.03 -16.47 8.83
C CYS A 341 -6.48 -16.65 8.44
N ARG A 342 -7.41 -16.29 9.34
CA ARG A 342 -8.82 -16.35 8.99
C ARG A 342 -9.12 -15.51 7.76
N ILE A 343 -8.68 -14.25 7.77
CA ILE A 343 -8.99 -13.36 6.63
C ILE A 343 -8.35 -13.89 5.35
N VAL A 344 -7.09 -14.34 5.44
CA VAL A 344 -6.40 -14.83 4.25
C VAL A 344 -7.11 -16.06 3.69
N CYS A 345 -7.55 -16.96 4.56
CA CYS A 345 -8.27 -18.14 4.09
C CYS A 345 -9.57 -17.74 3.41
N ARG A 346 -10.28 -16.76 3.96
CA ARG A 346 -11.51 -16.30 3.30
C ARG A 346 -11.22 -15.80 1.89
N HIS A 347 -10.22 -14.93 1.75
CA HIS A 347 -9.91 -14.41 0.42
C HIS A 347 -9.45 -15.51 -0.53
N ALA A 348 -8.64 -16.44 -0.04
CA ALA A 348 -8.16 -17.52 -0.89
C ALA A 348 -9.32 -18.39 -1.37
N GLN A 349 -10.28 -18.68 -0.49
CA GLN A 349 -11.44 -19.45 -0.91
C GLN A 349 -12.25 -18.70 -1.95
N GLN A 350 -12.45 -17.39 -1.76
CA GLN A 350 -13.18 -16.62 -2.76
C GLN A 350 -12.48 -16.67 -4.12
N ILE A 351 -11.15 -16.53 -4.11
CA ILE A 351 -10.41 -16.60 -5.37
C ILE A 351 -10.57 -17.97 -6.02
N ALA A 352 -10.41 -19.04 -5.22
CA ALA A 352 -10.49 -20.39 -5.75
C ALA A 352 -11.91 -20.73 -6.21
N LEU A 353 -12.92 -19.96 -5.80
CA LEU A 353 -14.28 -20.25 -6.23
C LEU A 353 -14.38 -20.28 -7.75
N GLN A 354 -13.78 -19.30 -8.42
CA GLN A 354 -13.80 -19.22 -9.88
C GLN A 354 -12.48 -19.79 -10.41
N ARG A 355 -12.42 -21.11 -10.44
CA ARG A 355 -11.21 -21.80 -10.90
C ARG A 355 -10.90 -21.42 -12.34
N ARG A 367 -2.58 -23.25 -1.67
CA ARG A 367 -2.62 -22.99 -0.23
C ARG A 367 -1.30 -22.38 0.24
N LYS A 368 -0.87 -21.32 -0.42
CA LYS A 368 0.38 -20.63 -0.09
C LYS A 368 0.16 -19.47 0.88
N GLY A 369 -1.07 -19.22 1.30
CA GLY A 369 -1.37 -18.12 2.20
C GLY A 369 -1.09 -18.38 3.65
N ILE A 370 -0.65 -19.58 4.01
CA ILE A 370 -0.37 -19.93 5.40
C ILE A 370 1.06 -20.37 5.63
N ALA A 371 1.81 -20.73 4.59
CA ALA A 371 3.18 -21.19 4.78
C ALA A 371 4.05 -20.11 5.40
N THR A 372 3.93 -18.87 4.91
CA THR A 372 4.76 -17.79 5.43
C THR A 372 4.48 -17.54 6.90
N LEU A 373 3.20 -17.54 7.29
CA LEU A 373 2.86 -17.34 8.69
C LEU A 373 3.47 -18.42 9.58
N ALA A 374 3.35 -19.68 9.14
CA ALA A 374 3.92 -20.78 9.92
C ALA A 374 5.43 -20.64 10.03
N VAL A 375 6.10 -20.28 8.93
CA VAL A 375 7.55 -20.15 8.96
C VAL A 375 7.96 -19.05 9.93
N VAL A 376 7.30 -17.90 9.84
CA VAL A 376 7.67 -16.77 10.70
C VAL A 376 7.44 -17.11 12.16
N LEU A 377 6.27 -17.68 12.48
CA LEU A 377 5.97 -18.01 13.86
C LEU A 377 6.94 -19.06 14.39
N GLY A 378 7.24 -20.08 13.60
CA GLY A 378 8.18 -21.10 14.03
C GLY A 378 9.57 -20.54 14.26
N ALA A 379 10.03 -19.67 13.38
CA ALA A 379 11.33 -19.03 13.58
C ALA A 379 11.35 -18.24 14.88
N PHE A 380 10.33 -17.41 15.10
CA PHE A 380 10.29 -16.60 16.31
C PHE A 380 10.28 -17.48 17.56
N ALA A 381 9.45 -18.52 17.56
CA ALA A 381 9.38 -19.42 18.70
C ALA A 381 10.72 -20.10 18.95
N ALA A 382 11.21 -20.84 17.95
CA ALA A 382 12.45 -21.57 18.12
C ALA A 382 13.63 -20.67 18.42
N CYS A 383 13.53 -19.37 18.13
CA CYS A 383 14.62 -18.46 18.43
C CYS A 383 14.53 -17.83 19.81
N TRP A 384 13.33 -17.57 20.33
CA TRP A 384 13.20 -16.89 21.62
C TRP A 384 12.78 -17.78 22.77
N LEU A 385 11.85 -18.71 22.55
CA LEU A 385 11.28 -19.46 23.68
C LEU A 385 12.32 -20.17 24.52
N PRO A 386 13.29 -20.90 23.95
CA PRO A 386 14.18 -21.73 24.80
C PRO A 386 14.88 -20.94 25.88
N PHE A 387 15.33 -19.71 25.60
CA PHE A 387 16.04 -18.95 26.61
C PHE A 387 15.17 -18.70 27.84
N THR A 388 13.96 -18.19 27.62
CA THR A 388 13.07 -17.95 28.76
C THR A 388 12.68 -19.26 29.45
N VAL A 389 12.41 -20.31 28.66
CA VAL A 389 11.96 -21.57 29.25
C VAL A 389 13.02 -22.13 30.19
N TYR A 390 14.28 -22.14 29.75
CA TYR A 390 15.36 -22.65 30.58
C TYR A 390 15.91 -21.60 31.54
N CYS A 391 15.42 -20.37 31.47
CA CYS A 391 15.77 -19.39 32.49
C CYS A 391 14.84 -19.46 33.69
N LEU A 392 13.55 -19.70 33.45
CA LEU A 392 12.60 -19.74 34.55
C LEU A 392 12.95 -20.84 35.54
N LEU A 393 13.14 -22.06 35.05
CA LEU A 393 13.48 -23.20 35.91
C LEU A 393 15.00 -23.35 35.99
N GLY A 394 15.62 -22.34 36.60
CA GLY A 394 17.06 -22.34 36.78
C GLY A 394 17.48 -21.35 37.84
N ASP A 395 18.66 -21.61 38.41
CA ASP A 395 19.24 -20.79 39.46
C ASP A 395 20.69 -20.48 39.10
N ALA A 396 21.36 -19.74 39.97
CA ALA A 396 22.74 -19.35 39.71
C ALA A 396 23.71 -20.46 40.12
N HIS A 397 23.45 -21.68 39.67
CA HIS A 397 24.38 -22.78 39.87
C HIS A 397 24.44 -23.72 38.67
N SER A 398 23.78 -23.38 37.56
CA SER A 398 23.74 -24.26 36.41
C SER A 398 25.11 -24.30 35.73
N PRO A 399 25.36 -25.32 34.91
CA PRO A 399 26.64 -25.40 34.20
C PRO A 399 26.86 -24.17 33.34
N PRO A 400 28.10 -23.67 33.24
CA PRO A 400 28.31 -22.40 32.53
C PRO A 400 27.83 -22.41 31.09
N LEU A 401 28.01 -23.52 30.37
CA LEU A 401 27.68 -23.54 28.94
C LEU A 401 26.19 -23.38 28.68
N TYR A 402 25.35 -23.59 29.70
CA TYR A 402 23.91 -23.47 29.48
C TYR A 402 23.52 -22.07 29.06
N THR A 403 24.10 -21.05 29.69
CA THR A 403 23.75 -19.68 29.35
C THR A 403 24.09 -19.36 27.91
N TYR A 404 25.29 -19.75 27.47
CA TYR A 404 25.68 -19.50 26.08
C TYR A 404 24.79 -20.28 25.12
N LEU A 405 24.51 -21.55 25.43
CA LEU A 405 23.71 -22.36 24.52
C LEU A 405 22.29 -21.80 24.39
N THR A 406 21.74 -21.24 25.46
CA THR A 406 20.41 -20.68 25.42
C THR A 406 20.38 -19.26 24.86
N LEU A 407 21.48 -18.52 24.94
CA LEU A 407 21.53 -17.16 24.43
C LEU A 407 21.95 -17.09 22.97
N LEU A 408 22.56 -18.14 22.43
CA LEU A 408 22.95 -18.10 21.02
C LEU A 408 21.75 -17.90 20.09
N PRO A 409 20.65 -18.64 20.22
CA PRO A 409 19.50 -18.38 19.34
C PRO A 409 18.93 -16.97 19.50
N ALA A 410 18.98 -16.40 20.70
CA ALA A 410 18.44 -15.05 20.89
C ALA A 410 19.17 -14.04 20.03
N THR A 411 20.50 -14.15 19.93
CA THR A 411 21.25 -13.27 19.05
C THR A 411 21.08 -13.67 17.59
N TYR A 412 21.00 -14.97 17.31
CA TYR A 412 20.82 -15.42 15.94
C TYR A 412 19.50 -14.90 15.35
N ASN A 413 18.52 -14.62 16.21
CA ASN A 413 17.24 -14.11 15.72
C ASN A 413 17.40 -12.80 14.95
N SER A 414 18.42 -12.01 15.29
CA SER A 414 18.63 -10.73 14.62
C SER A 414 19.22 -10.88 13.24
N MET A 415 19.67 -12.08 12.86
CA MET A 415 20.12 -12.35 11.50
C MET A 415 18.99 -12.84 10.60
N ILE A 416 17.85 -13.22 11.17
CA ILE A 416 16.70 -13.67 10.39
C ILE A 416 15.58 -12.65 10.39
N ASN A 417 15.46 -11.82 11.42
CA ASN A 417 14.44 -10.77 11.42
C ASN A 417 14.63 -9.79 10.28
N PRO A 418 15.81 -9.17 10.09
CA PRO A 418 15.90 -8.09 9.09
C PRO A 418 15.70 -8.57 7.67
N ILE A 419 16.24 -9.74 7.30
CA ILE A 419 16.05 -10.23 5.95
C ILE A 419 14.57 -10.40 5.65
N ILE A 420 13.85 -11.09 6.54
CA ILE A 420 12.44 -11.36 6.30
C ILE A 420 11.65 -10.05 6.23
N TYR A 421 11.92 -9.12 7.13
CA TYR A 421 11.07 -7.95 7.27
C TYR A 421 11.49 -6.74 6.43
N ALA A 422 12.64 -6.80 5.74
CA ALA A 422 13.04 -5.68 4.91
C ALA A 422 13.70 -6.05 3.59
N PHE A 423 13.84 -7.32 3.25
CA PHE A 423 14.48 -7.72 1.99
C PHE A 423 13.54 -8.45 1.05
N ARG A 424 12.64 -9.29 1.56
CA ARG A 424 11.66 -9.93 0.70
C ARG A 424 10.73 -8.92 0.05
N ASN A 425 10.67 -7.70 0.59
CA ASN A 425 9.88 -6.65 -0.03
C ASN A 425 10.40 -6.36 -1.43
N GLN A 426 9.48 -6.13 -2.36
CA GLN A 426 9.86 -5.85 -3.74
C GLN A 426 10.41 -4.44 -3.93
N ASP A 427 10.27 -3.56 -2.93
CA ASP A 427 10.73 -2.18 -3.08
C ASP A 427 12.22 -2.07 -2.82
N VAL A 428 12.66 -2.43 -1.61
CA VAL A 428 14.07 -2.27 -1.26
C VAL A 428 14.97 -3.17 -2.10
N GLN A 429 14.43 -4.23 -2.69
CA GLN A 429 15.25 -5.14 -3.46
C GLN A 429 15.89 -4.43 -4.65
N LYS A 430 15.14 -3.58 -5.34
CA LYS A 430 15.69 -2.87 -6.49
C LYS A 430 16.84 -1.97 -6.08
N VAL A 431 16.68 -1.22 -4.98
CA VAL A 431 17.76 -0.36 -4.51
C VAL A 431 18.97 -1.21 -4.11
N LEU A 432 18.72 -2.36 -3.50
CA LEU A 432 19.82 -3.25 -3.12
C LEU A 432 20.59 -3.72 -4.35
N TRP A 433 19.88 -4.04 -5.43
CA TRP A 433 20.55 -4.50 -6.64
C TRP A 433 21.50 -3.46 -7.21
N ALA A 434 21.28 -2.19 -6.91
CA ALA A 434 22.15 -1.12 -7.40
C ALA A 434 23.41 -1.02 -6.54
N GLU B 8 12.72 42.69 1.49
CA GLU B 8 11.32 42.30 1.51
C GLU B 8 11.16 40.80 1.32
N ASP B 9 12.29 40.07 1.32
CA ASP B 9 12.24 38.63 1.17
C ASP B 9 11.48 37.95 2.30
N LYS B 10 11.40 38.59 3.47
CA LYS B 10 10.67 38.01 4.59
C LYS B 10 9.20 37.81 4.23
N ALA B 11 8.59 38.81 3.57
CA ALA B 11 7.20 38.68 3.14
C ALA B 11 7.04 37.54 2.15
N ALA B 12 7.99 37.41 1.22
CA ALA B 12 7.92 36.32 0.25
C ALA B 12 7.99 34.97 0.94
N VAL B 13 8.89 34.82 1.91
CA VAL B 13 9.00 33.56 2.63
C VAL B 13 7.73 33.27 3.42
N GLU B 14 7.16 34.30 4.05
CA GLU B 14 5.92 34.10 4.80
C GLU B 14 4.79 33.66 3.88
N ARG B 15 4.69 34.28 2.71
CA ARG B 15 3.67 33.88 1.75
C ARG B 15 3.91 32.45 1.28
N SER B 16 5.17 32.09 1.04
CA SER B 16 5.47 30.72 0.63
C SER B 16 5.04 29.73 1.70
N LYS B 17 5.32 30.03 2.96
CA LYS B 17 4.94 29.13 4.04
C LYS B 17 3.43 29.03 4.18
N MET B 18 2.72 30.15 4.02
CA MET B 18 1.27 30.11 4.09
C MET B 18 0.69 29.25 2.97
N ILE B 19 1.21 29.41 1.75
CA ILE B 19 0.75 28.57 0.65
C ILE B 19 1.10 27.11 0.90
N GLU B 20 2.26 26.86 1.51
CA GLU B 20 2.65 25.49 1.80
C GLU B 20 1.68 24.84 2.79
N LYS B 21 1.32 25.56 3.85
CA LYS B 21 0.39 24.99 4.82
C LYS B 21 -1.00 24.81 4.22
N GLN B 22 -1.44 25.76 3.38
CA GLN B 22 -2.72 25.59 2.71
C GLN B 22 -2.71 24.36 1.81
N LEU B 23 -1.61 24.14 1.08
CA LEU B 23 -1.48 22.96 0.24
C LEU B 23 -1.47 21.70 1.09
N GLN B 24 -0.83 21.74 2.25
CA GLN B 24 -0.82 20.58 3.13
C GLN B 24 -2.24 20.24 3.60
N LYS B 25 -3.00 21.25 3.99
CA LYS B 25 -4.39 21.00 4.39
C LYS B 25 -5.21 20.45 3.23
N ASP B 26 -5.02 21.02 2.03
CA ASP B 26 -5.77 20.53 0.87
C ASP B 26 -5.42 19.09 0.56
N LYS B 27 -4.14 18.73 0.68
CA LYS B 27 -3.73 17.35 0.46
C LYS B 27 -4.32 16.43 1.51
N GLN B 28 -4.34 16.87 2.77
CA GLN B 28 -4.94 16.05 3.82
C GLN B 28 -6.41 15.78 3.52
N VAL B 29 -7.13 16.80 3.04
CA VAL B 29 -8.51 16.59 2.61
C VAL B 29 -8.56 15.62 1.44
N TYR B 30 -7.64 15.79 0.48
CA TYR B 30 -7.68 15.00 -0.74
C TYR B 30 -7.45 13.52 -0.46
N ARG B 31 -6.49 13.20 0.39
CA ARG B 31 -6.12 11.81 0.62
C ARG B 31 -7.11 11.18 1.60
N ALA B 32 -8.39 11.21 1.27
CA ALA B 32 -9.42 10.58 2.08
C ALA B 32 -10.36 9.74 1.23
N THR B 33 -10.57 10.16 -0.02
CA THR B 33 -11.58 9.57 -0.89
C THR B 33 -10.93 8.74 -1.98
N HIS B 34 -11.74 7.87 -2.58
CA HIS B 34 -11.32 6.99 -3.66
C HIS B 34 -11.90 7.47 -4.99
N ARG B 35 -11.39 6.89 -6.08
CA ARG B 35 -11.76 7.27 -7.42
C ARG B 35 -12.23 6.04 -8.19
N LEU B 36 -13.15 6.26 -9.13
CA LEU B 36 -13.67 5.18 -9.95
C LEU B 36 -13.96 5.70 -11.34
N LEU B 37 -14.00 4.79 -12.31
CA LEU B 37 -14.25 5.12 -13.70
C LEU B 37 -15.42 4.27 -14.22
N LEU B 38 -16.21 4.87 -15.10
CA LEU B 38 -17.44 4.25 -15.62
C LEU B 38 -17.32 4.17 -17.15
N LEU B 39 -16.96 2.99 -17.65
CA LEU B 39 -16.84 2.76 -19.09
C LEU B 39 -18.14 2.17 -19.65
N GLY B 40 -19.19 2.99 -19.63
CA GLY B 40 -20.49 2.52 -20.08
C GLY B 40 -20.47 2.16 -21.55
N ALA B 41 -21.24 1.13 -21.91
CA ALA B 41 -21.32 0.71 -23.30
C ALA B 41 -21.95 1.77 -24.18
N GLY B 42 -22.67 2.72 -23.59
CA GLY B 42 -23.27 3.81 -24.34
C GLY B 42 -24.74 4.01 -24.02
N GLU B 43 -25.47 2.91 -23.80
CA GLU B 43 -26.89 3.01 -23.48
C GLU B 43 -27.33 2.02 -22.41
N SER B 44 -26.41 1.26 -21.79
CA SER B 44 -26.78 0.22 -20.84
C SER B 44 -27.15 0.83 -19.48
N GLY B 45 -28.17 1.67 -19.52
CA GLY B 45 -28.70 2.26 -18.30
C GLY B 45 -27.66 3.03 -17.50
N LYS B 46 -26.85 3.85 -18.19
CA LYS B 46 -25.84 4.64 -17.50
C LYS B 46 -26.47 5.63 -16.53
N SER B 47 -27.75 5.96 -16.69
CA SER B 47 -28.43 6.91 -15.82
C SER B 47 -29.08 6.24 -14.62
N THR B 48 -29.46 4.98 -14.72
CA THR B 48 -30.12 4.29 -13.60
C THR B 48 -29.12 3.74 -12.59
N ILE B 49 -27.94 3.29 -13.06
CA ILE B 49 -26.92 2.77 -12.15
C ILE B 49 -26.18 3.88 -11.41
N VAL B 50 -26.54 5.15 -11.65
CA VAL B 50 -25.90 6.24 -10.95
C VAL B 50 -26.12 6.15 -9.45
N LYS B 51 -27.11 5.38 -9.01
CA LYS B 51 -27.37 5.21 -7.59
C LYS B 51 -26.13 4.70 -6.87
N SER B 184 -17.83 20.05 -18.68
CA SER B 184 -18.70 19.83 -19.83
C SER B 184 -18.83 18.34 -20.12
N GLY B 185 -17.88 17.78 -20.86
CA GLY B 185 -17.92 16.36 -21.15
C GLY B 185 -17.74 15.50 -19.91
N ILE B 186 -16.83 15.90 -19.02
CA ILE B 186 -16.59 15.15 -17.81
C ILE B 186 -17.70 15.45 -16.81
N PHE B 187 -18.38 14.40 -16.35
CA PHE B 187 -19.42 14.51 -15.34
C PHE B 187 -19.03 13.66 -14.14
N GLU B 188 -19.09 14.27 -12.95
CA GLU B 188 -18.68 13.61 -11.72
C GLU B 188 -19.84 13.49 -10.76
N THR B 189 -19.79 12.44 -9.94
CA THR B 189 -20.77 12.22 -8.88
C THR B 189 -20.03 11.94 -7.58
N LYS B 190 -20.68 12.28 -6.47
CA LYS B 190 -20.07 12.14 -5.15
C LYS B 190 -21.11 11.57 -4.20
N PHE B 191 -21.08 10.26 -3.99
CA PHE B 191 -21.92 9.59 -3.02
C PHE B 191 -21.10 9.29 -1.77
N GLN B 192 -21.71 8.57 -0.82
CA GLN B 192 -21.05 8.31 0.46
C GLN B 192 -21.58 7.01 1.03
N VAL B 193 -20.69 6.25 1.67
CA VAL B 193 -21.04 5.01 2.34
C VAL B 193 -20.28 4.95 3.66
N ASP B 194 -21.00 4.93 4.78
CA ASP B 194 -20.38 4.83 6.10
C ASP B 194 -19.35 5.94 6.31
N LYS B 195 -19.70 7.14 5.86
CA LYS B 195 -18.89 8.36 6.01
C LYS B 195 -17.62 8.33 5.17
N VAL B 196 -17.38 7.28 4.39
CA VAL B 196 -16.19 7.21 3.53
C VAL B 196 -16.63 7.73 2.16
N ASN B 197 -16.46 9.04 1.96
CA ASN B 197 -16.91 9.67 0.73
C ASN B 197 -16.13 9.10 -0.46
N PHE B 198 -16.85 8.80 -1.53
CA PHE B 198 -16.27 8.25 -2.75
C PHE B 198 -16.17 9.33 -3.82
N HIS B 199 -15.76 8.93 -5.02
CA HIS B 199 -15.67 9.86 -6.15
C HIS B 199 -15.79 9.06 -7.43
N MET B 200 -16.86 9.29 -8.18
CA MET B 200 -17.11 8.59 -9.44
C MET B 200 -17.34 9.60 -10.55
N PHE B 201 -16.92 9.24 -11.75
CA PHE B 201 -17.06 10.12 -12.90
C PHE B 201 -17.06 9.28 -14.17
N ASP B 202 -17.72 9.80 -15.21
CA ASP B 202 -17.81 9.13 -16.49
C ASP B 202 -16.69 9.64 -17.40
N VAL B 203 -16.76 9.27 -18.68
CA VAL B 203 -15.74 9.69 -19.65
C VAL B 203 -15.68 11.21 -19.72
N GLU B 209 -11.19 5.30 -30.73
CA GLU B 209 -11.63 6.60 -30.25
C GLU B 209 -11.09 6.84 -28.84
N ARG B 210 -11.38 5.91 -27.94
CA ARG B 210 -10.94 5.99 -26.55
C ARG B 210 -9.53 5.43 -26.36
N ARG B 211 -8.75 5.32 -27.43
CA ARG B 211 -7.44 4.69 -27.35
C ARG B 211 -6.43 5.51 -26.56
N LYS B 212 -6.72 6.77 -26.24
CA LYS B 212 -5.74 7.66 -25.62
C LYS B 212 -6.11 8.06 -24.20
N TRP B 213 -7.26 8.67 -24.00
CA TRP B 213 -7.48 9.30 -22.69
C TRP B 213 -7.60 8.31 -21.55
N ILE B 214 -7.38 7.01 -21.79
CA ILE B 214 -7.27 6.06 -20.70
C ILE B 214 -6.04 6.38 -19.84
N GLN B 215 -5.08 7.11 -20.41
CA GLN B 215 -3.85 7.43 -19.68
C GLN B 215 -4.11 8.26 -18.44
N CYS B 216 -5.23 9.00 -18.38
CA CYS B 216 -5.47 9.91 -17.28
C CYS B 216 -6.03 9.22 -16.05
N PHE B 217 -6.29 7.91 -16.12
CA PHE B 217 -6.91 7.16 -15.02
C PHE B 217 -6.07 5.96 -14.64
N ASN B 218 -4.77 6.20 -14.46
CA ASN B 218 -3.85 5.14 -14.08
C ASN B 218 -3.89 4.80 -12.60
N ASP B 219 -4.58 5.60 -11.79
CA ASP B 219 -4.60 5.42 -10.33
C ASP B 219 -6.00 5.21 -9.78
N VAL B 220 -7.00 4.94 -10.63
CA VAL B 220 -8.36 4.73 -10.16
C VAL B 220 -8.41 3.46 -9.33
N THR B 221 -9.26 3.46 -8.30
CA THR B 221 -9.37 2.30 -7.44
C THR B 221 -9.92 1.10 -8.19
N ALA B 222 -10.91 1.31 -9.06
CA ALA B 222 -11.50 0.24 -9.84
C ALA B 222 -12.34 0.85 -10.94
N ILE B 223 -12.81 0.00 -11.85
CA ILE B 223 -13.58 0.41 -13.01
C ILE B 223 -14.97 -0.21 -12.89
N ILE B 224 -16.00 0.63 -12.86
CA ILE B 224 -17.39 0.16 -12.77
C ILE B 224 -17.89 0.05 -14.22
N PHE B 225 -17.58 -1.10 -14.84
CA PHE B 225 -17.99 -1.33 -16.22
C PHE B 225 -19.41 -1.87 -16.25
N VAL B 226 -20.23 -1.31 -17.14
CA VAL B 226 -21.68 -1.56 -17.17
C VAL B 226 -21.99 -2.19 -18.53
N VAL B 227 -22.46 -3.43 -18.51
CA VAL B 227 -22.81 -4.15 -19.73
C VAL B 227 -24.32 -4.19 -19.89
N ALA B 228 -24.80 -4.44 -21.10
CA ALA B 228 -26.20 -4.74 -21.38
C ALA B 228 -26.33 -6.22 -21.70
N SER B 229 -27.34 -6.87 -21.11
CA SER B 229 -27.52 -8.31 -21.22
C SER B 229 -28.41 -8.71 -22.38
N SER B 230 -28.87 -7.75 -23.19
CA SER B 230 -29.74 -8.04 -24.34
C SER B 230 -28.89 -8.01 -25.60
N SER B 231 -28.85 -9.15 -26.30
CA SER B 231 -28.08 -9.26 -27.53
C SER B 231 -28.98 -9.14 -28.75
N THR B 242 -28.66 -8.79 -34.07
CA THR B 242 -27.90 -7.84 -33.27
C THR B 242 -26.86 -8.57 -32.42
N ASN B 243 -25.60 -8.16 -32.55
CA ASN B 243 -24.49 -8.74 -31.79
C ASN B 243 -23.72 -7.64 -31.07
N ARG B 244 -24.43 -6.67 -30.50
CA ARG B 244 -23.77 -5.60 -29.77
C ARG B 244 -23.05 -6.13 -28.53
N LEU B 245 -23.50 -7.28 -27.99
CA LEU B 245 -22.75 -7.92 -26.93
C LEU B 245 -21.35 -8.27 -27.38
N GLN B 246 -21.19 -8.61 -28.66
CA GLN B 246 -19.85 -8.82 -29.19
C GLN B 246 -19.02 -7.54 -29.15
N GLU B 247 -19.65 -6.40 -29.45
CA GLU B 247 -18.95 -5.12 -29.33
C GLU B 247 -18.51 -4.86 -27.89
N ALA B 248 -19.40 -5.15 -26.94
CA ALA B 248 -19.04 -4.96 -25.53
C ALA B 248 -17.89 -5.89 -25.14
N LEU B 249 -17.93 -7.14 -25.60
CA LEU B 249 -16.86 -8.08 -25.30
C LEU B 249 -15.53 -7.61 -25.90
N ASN B 250 -15.57 -7.09 -27.13
CA ASN B 250 -14.36 -6.58 -27.75
C ASN B 250 -13.81 -5.38 -26.98
N LEU B 251 -14.69 -4.48 -26.54
CA LEU B 251 -14.23 -3.35 -25.74
C LEU B 251 -13.59 -3.83 -24.44
N PHE B 252 -14.20 -4.80 -23.78
CA PHE B 252 -13.63 -5.34 -22.55
C PHE B 252 -12.27 -5.97 -22.82
N LYS B 253 -12.15 -6.73 -23.92
CA LYS B 253 -10.88 -7.33 -24.27
C LYS B 253 -9.80 -6.27 -24.48
N SER B 254 -10.15 -5.20 -25.18
CA SER B 254 -9.19 -4.13 -25.40
C SER B 254 -8.79 -3.48 -24.08
N ILE B 255 -9.75 -3.24 -23.19
CA ILE B 255 -9.43 -2.63 -21.91
C ILE B 255 -8.63 -3.55 -21.01
N TRP B 256 -8.70 -4.86 -21.24
CA TRP B 256 -7.99 -5.80 -20.38
C TRP B 256 -6.48 -5.75 -20.63
N ASN B 257 -6.06 -6.05 -21.85
CA ASN B 257 -4.64 -6.04 -22.20
C ASN B 257 -4.22 -4.65 -22.69
N ASN B 258 -4.51 -3.66 -21.84
CA ASN B 258 -4.20 -2.28 -22.20
C ASN B 258 -2.70 -2.05 -22.34
N ARG B 259 -1.89 -2.81 -21.61
CA ARG B 259 -0.45 -2.71 -21.55
C ARG B 259 -0.01 -1.55 -20.65
N TRP B 260 -0.94 -0.77 -20.12
CA TRP B 260 -0.63 0.28 -19.16
C TRP B 260 -1.45 0.18 -17.88
N LEU B 261 -2.70 -0.24 -17.97
CA LEU B 261 -3.56 -0.42 -16.80
C LEU B 261 -3.40 -1.86 -16.33
N ARG B 262 -2.45 -2.07 -15.41
CA ARG B 262 -2.17 -3.40 -14.89
C ARG B 262 -2.35 -3.48 -13.37
N THR B 263 -3.00 -2.48 -12.77
CA THR B 263 -3.31 -2.49 -11.35
C THR B 263 -4.74 -2.05 -11.12
N ILE B 264 -5.61 -2.27 -12.10
CA ILE B 264 -7.00 -1.84 -12.06
C ILE B 264 -7.88 -3.07 -12.17
N SER B 265 -8.87 -3.18 -11.28
CA SER B 265 -9.84 -4.26 -11.30
C SER B 265 -11.19 -3.72 -11.77
N VAL B 266 -11.96 -4.60 -12.41
CA VAL B 266 -13.23 -4.23 -13.03
C VAL B 266 -14.38 -4.69 -12.14
N ILE B 267 -15.35 -3.81 -11.94
CA ILE B 267 -16.56 -4.11 -11.19
C ILE B 267 -17.68 -4.23 -12.20
N LEU B 268 -18.01 -5.46 -12.57
CA LEU B 268 -18.99 -5.70 -13.63
C LEU B 268 -20.42 -5.53 -13.09
N PHE B 269 -21.30 -5.00 -13.93
CA PHE B 269 -22.68 -4.69 -13.56
C PHE B 269 -23.66 -5.15 -14.64
N LEU B 270 -23.60 -6.41 -15.04
CA LEU B 270 -24.59 -6.95 -15.98
C LEU B 270 -25.97 -6.42 -15.63
N ASN B 271 -26.61 -5.76 -16.58
CA ASN B 271 -27.81 -4.98 -16.32
C ASN B 271 -28.91 -5.38 -17.29
N LYS B 272 -30.15 -5.02 -16.94
CA LYS B 272 -31.31 -5.25 -17.79
C LYS B 272 -31.56 -6.75 -17.97
N GLN B 273 -31.69 -7.44 -16.85
CA GLN B 273 -31.95 -8.88 -16.86
C GLN B 273 -33.39 -9.20 -17.23
N ASP B 274 -34.33 -8.29 -16.94
CA ASP B 274 -35.73 -8.55 -17.23
C ASP B 274 -35.95 -8.78 -18.71
N LEU B 275 -35.32 -7.98 -19.56
CA LEU B 275 -35.45 -8.17 -21.00
C LEU B 275 -34.91 -9.52 -21.42
N LEU B 276 -33.77 -9.93 -20.85
CA LEU B 276 -33.21 -11.23 -21.18
C LEU B 276 -34.16 -12.35 -20.79
N ALA B 277 -34.76 -12.25 -19.59
CA ALA B 277 -35.70 -13.28 -19.15
C ALA B 277 -36.91 -13.32 -20.07
N GLU B 278 -37.45 -12.17 -20.44
CA GLU B 278 -38.60 -12.13 -21.33
C GLU B 278 -38.26 -12.76 -22.68
N LYS B 279 -37.09 -12.42 -23.24
CA LYS B 279 -36.72 -12.93 -24.55
C LYS B 279 -36.50 -14.43 -24.51
N VAL B 280 -35.77 -14.92 -23.51
CA VAL B 280 -35.48 -16.36 -23.45
C VAL B 280 -36.75 -17.16 -23.20
N LEU B 281 -37.60 -16.69 -22.29
CA LEU B 281 -38.84 -17.40 -22.03
C LEU B 281 -39.75 -17.38 -23.26
N ALA B 282 -39.82 -16.24 -23.93
CA ALA B 282 -40.64 -16.12 -25.14
C ALA B 282 -39.94 -16.77 -26.33
N GLU B 288 -28.83 -14.59 -27.67
CA GLU B 288 -29.86 -15.54 -27.27
C GLU B 288 -29.50 -16.94 -27.78
N ASP B 289 -29.39 -17.08 -29.10
CA ASP B 289 -28.94 -18.34 -29.70
C ASP B 289 -27.99 -18.12 -30.87
N TYR B 290 -27.55 -16.88 -31.11
CA TYR B 290 -26.66 -16.63 -32.23
C TYR B 290 -25.33 -17.35 -32.05
N PHE B 291 -24.79 -17.32 -30.85
CA PHE B 291 -23.48 -17.94 -30.59
C PHE B 291 -23.64 -19.46 -30.55
N PRO B 292 -22.95 -20.22 -31.40
CA PRO B 292 -23.07 -21.68 -31.34
C PRO B 292 -22.54 -22.28 -30.05
N GLU B 293 -21.67 -21.57 -29.34
CA GLU B 293 -21.10 -22.12 -28.11
C GLU B 293 -22.14 -22.28 -27.01
N PHE B 294 -23.27 -21.58 -27.11
CA PHE B 294 -24.29 -21.67 -26.05
C PHE B 294 -24.81 -23.09 -25.92
N ALA B 295 -25.04 -23.77 -27.05
CA ALA B 295 -25.53 -25.15 -26.99
C ALA B 295 -24.54 -26.05 -26.27
N ARG B 296 -23.25 -25.91 -26.57
CA ARG B 296 -22.21 -26.70 -25.91
C ARG B 296 -21.82 -26.01 -24.61
N TYR B 297 -22.75 -26.05 -23.65
CA TYR B 297 -22.56 -25.40 -22.37
C TYR B 297 -23.41 -26.12 -21.33
N THR B 298 -23.04 -25.93 -20.06
CA THR B 298 -23.80 -26.48 -18.95
C THR B 298 -23.79 -25.48 -17.80
N THR B 299 -24.85 -25.51 -17.00
CA THR B 299 -24.94 -24.63 -15.86
C THR B 299 -23.85 -25.00 -14.85
N PRO B 300 -23.21 -24.01 -14.22
CA PRO B 300 -22.19 -24.34 -13.21
C PRO B 300 -22.77 -25.17 -12.08
N GLU B 301 -21.97 -26.12 -11.58
CA GLU B 301 -22.42 -27.02 -10.54
C GLU B 301 -22.73 -26.30 -9.23
N ASP B 302 -22.22 -25.09 -9.05
CA ASP B 302 -22.40 -24.31 -7.82
C ASP B 302 -23.34 -23.13 -8.05
N ALA B 303 -24.38 -23.32 -8.85
CA ALA B 303 -25.33 -22.26 -9.11
C ALA B 303 -26.08 -21.89 -7.84
N THR B 304 -26.41 -20.60 -7.72
CA THR B 304 -27.15 -20.06 -6.58
C THR B 304 -28.31 -19.22 -7.08
N PRO B 305 -29.33 -19.86 -7.67
CA PRO B 305 -30.44 -19.11 -8.24
C PRO B 305 -31.44 -18.65 -7.19
N GLU B 306 -31.90 -17.41 -7.36
CA GLU B 306 -32.94 -16.88 -6.50
C GLU B 306 -34.27 -17.57 -6.81
N PRO B 307 -35.21 -17.59 -5.86
CA PRO B 307 -36.47 -18.30 -6.09
C PRO B 307 -37.22 -17.75 -7.29
N GLY B 308 -37.88 -18.64 -8.03
CA GLY B 308 -38.62 -18.26 -9.21
C GLY B 308 -37.74 -18.08 -10.43
N GLU B 309 -37.04 -19.14 -10.82
CA GLU B 309 -36.15 -19.11 -11.97
C GLU B 309 -36.35 -20.35 -12.81
N ASP B 310 -36.29 -20.19 -14.13
CA ASP B 310 -36.40 -21.29 -15.07
C ASP B 310 -35.02 -21.82 -15.45
N PRO B 311 -34.87 -23.12 -15.71
CA PRO B 311 -33.54 -23.63 -16.06
C PRO B 311 -32.92 -22.92 -17.25
N ARG B 312 -33.71 -22.59 -18.27
CA ARG B 312 -33.17 -21.86 -19.41
C ARG B 312 -32.71 -20.46 -19.00
N VAL B 313 -33.48 -19.80 -18.13
CA VAL B 313 -33.11 -18.46 -17.69
C VAL B 313 -31.79 -18.49 -16.95
N THR B 314 -31.63 -19.46 -16.04
CA THR B 314 -30.37 -19.58 -15.31
C THR B 314 -29.23 -19.92 -16.25
N ARG B 315 -29.47 -20.82 -17.20
CA ARG B 315 -28.43 -21.16 -18.17
C ARG B 315 -27.96 -19.92 -18.91
N ALA B 316 -28.90 -19.13 -19.42
CA ALA B 316 -28.52 -17.90 -20.13
C ALA B 316 -27.79 -16.93 -19.22
N LYS B 317 -28.29 -16.75 -17.99
CA LYS B 317 -27.68 -15.78 -17.08
C LYS B 317 -26.24 -16.16 -16.77
N TYR B 318 -25.98 -17.45 -16.52
CA TYR B 318 -24.65 -17.90 -16.18
C TYR B 318 -23.77 -18.19 -17.39
N PHE B 319 -24.34 -18.15 -18.60
CA PHE B 319 -23.53 -18.18 -19.80
C PHE B 319 -23.11 -16.80 -20.27
N ILE B 320 -23.94 -15.77 -20.05
CA ILE B 320 -23.54 -14.41 -20.37
C ILE B 320 -22.51 -13.87 -19.38
N ARG B 321 -22.44 -14.44 -18.18
CA ARG B 321 -21.42 -14.07 -17.22
C ARG B 321 -20.15 -14.90 -17.36
N ASP B 322 -20.18 -15.97 -18.13
CA ASP B 322 -19.02 -16.83 -18.31
C ASP B 322 -18.19 -16.44 -19.53
N GLU B 323 -18.58 -15.36 -20.21
CA GLU B 323 -17.80 -14.83 -21.33
C GLU B 323 -16.86 -13.70 -20.92
N PHE B 324 -17.23 -12.93 -19.90
CA PHE B 324 -16.40 -11.83 -19.43
C PHE B 324 -15.44 -12.25 -18.33
N LEU B 325 -15.52 -13.48 -17.85
CA LEU B 325 -14.55 -14.04 -16.91
C LEU B 325 -13.65 -15.08 -17.54
N ARG B 326 -14.10 -15.75 -18.60
CA ARG B 326 -13.23 -16.70 -19.29
C ARG B 326 -11.99 -16.03 -19.86
N ILE B 327 -12.05 -14.73 -20.11
CA ILE B 327 -10.89 -13.97 -20.56
C ILE B 327 -10.27 -13.14 -19.44
N SER B 328 -11.04 -12.73 -18.44
CA SER B 328 -10.50 -11.89 -17.37
C SER B 328 -9.42 -12.63 -16.61
N THR B 329 -9.68 -13.86 -16.19
CA THR B 329 -8.72 -14.67 -15.45
C THR B 329 -7.87 -15.52 -16.38
N ALA B 330 -7.28 -14.88 -17.39
CA ALA B 330 -6.40 -15.54 -18.34
C ALA B 330 -5.00 -14.96 -18.31
N SER B 331 -4.86 -13.64 -18.37
CA SER B 331 -3.56 -12.98 -18.33
C SER B 331 -3.69 -11.74 -17.44
N GLY B 332 -3.42 -11.92 -16.15
CA GLY B 332 -3.46 -10.81 -15.21
C GLY B 332 -2.36 -10.87 -14.17
N ASP B 333 -1.50 -11.91 -14.26
CA ASP B 333 -0.39 -12.10 -13.34
C ASP B 333 -0.79 -11.88 -11.89
N GLY B 334 -2.05 -12.16 -11.57
CA GLY B 334 -2.51 -12.02 -10.19
C GLY B 334 -2.38 -10.61 -9.66
N ARG B 335 -2.64 -9.60 -10.48
CA ARG B 335 -2.58 -8.21 -10.06
C ARG B 335 -3.94 -7.53 -10.00
N HIS B 336 -4.91 -7.99 -10.77
CA HIS B 336 -6.26 -7.43 -10.74
C HIS B 336 -7.25 -8.49 -11.22
N TYR B 337 -8.47 -8.43 -10.70
CA TYR B 337 -9.47 -9.45 -10.93
C TYR B 337 -10.79 -8.82 -11.35
N CYS B 338 -11.74 -9.67 -11.73
CA CYS B 338 -13.10 -9.26 -12.08
C CYS B 338 -14.07 -9.77 -11.03
N TYR B 339 -15.22 -9.10 -10.93
CA TYR B 339 -16.19 -9.37 -9.88
C TYR B 339 -17.60 -9.19 -10.41
N PRO B 340 -18.22 -10.25 -10.94
CA PRO B 340 -19.61 -10.12 -11.40
C PRO B 340 -20.54 -9.76 -10.27
N HIS B 341 -21.52 -8.88 -10.52
CA HIS B 341 -22.54 -8.53 -9.51
C HIS B 341 -23.85 -8.40 -10.25
N PHE B 342 -24.48 -9.50 -10.68
CA PHE B 342 -25.69 -9.41 -11.55
C PHE B 342 -26.70 -8.51 -10.89
N THR B 343 -27.26 -7.62 -11.67
CA THR B 343 -28.23 -6.68 -11.13
C THR B 343 -29.23 -6.68 -12.23
N CYS B 344 -30.29 -5.92 -12.07
CA CYS B 344 -31.30 -5.79 -13.15
C CYS B 344 -31.78 -4.36 -13.01
N ALA B 345 -32.65 -3.93 -13.90
CA ALA B 345 -33.11 -2.58 -13.66
C ALA B 345 -33.70 -2.64 -12.24
N VAL B 346 -34.10 -3.83 -11.79
CA VAL B 346 -34.73 -4.00 -10.45
C VAL B 346 -33.72 -4.29 -9.31
N ASP B 347 -33.23 -3.27 -8.59
CA ASP B 347 -32.42 -3.46 -7.35
C ASP B 347 -32.25 -2.08 -6.66
N THR B 348 -31.91 -2.00 -5.37
CA THR B 348 -31.64 -0.67 -4.73
C THR B 348 -30.33 -0.65 -3.91
N GLU B 349 -29.68 -1.80 -3.73
CA GLU B 349 -28.42 -1.90 -2.94
C GLU B 349 -27.18 -2.15 -3.81
N ASN B 350 -27.16 -1.73 -5.08
CA ASN B 350 -25.91 -1.83 -5.89
C ASN B 350 -24.87 -0.96 -5.20
N ILE B 351 -25.25 0.13 -4.51
CA ILE B 351 -24.29 1.00 -3.75
C ILE B 351 -23.60 0.21 -2.64
N ARG B 352 -24.13 -0.93 -2.23
CA ARG B 352 -23.41 -1.77 -1.26
C ARG B 352 -22.84 -2.97 -1.98
N ARG B 353 -22.77 -2.94 -3.31
CA ARG B 353 -22.03 -4.01 -4.02
C ARG B 353 -20.78 -3.34 -4.55
N VAL B 354 -20.72 -2.00 -4.44
CA VAL B 354 -19.52 -1.26 -4.81
C VAL B 354 -18.61 -1.07 -3.60
N PHE B 355 -19.20 -0.71 -2.46
CA PHE B 355 -18.39 -0.50 -1.25
C PHE B 355 -17.66 -1.77 -0.86
N ASN B 356 -18.38 -2.90 -0.82
CA ASN B 356 -17.76 -4.15 -0.44
C ASN B 356 -16.67 -4.55 -1.43
N ASP B 357 -16.92 -4.36 -2.73
CA ASP B 357 -15.92 -4.74 -3.71
C ASP B 357 -14.66 -3.87 -3.62
N CYS B 358 -14.83 -2.57 -3.38
CA CYS B 358 -13.67 -1.70 -3.20
C CYS B 358 -12.85 -2.12 -1.99
N ARG B 359 -13.53 -2.39 -0.87
CA ARG B 359 -12.82 -2.87 0.30
C ARG B 359 -12.07 -4.16 -0.02
N ASP B 360 -12.72 -5.07 -0.75
CA ASP B 360 -12.08 -6.33 -1.08
C ASP B 360 -10.85 -6.11 -1.95
N ILE B 361 -10.93 -5.22 -2.94
CA ILE B 361 -9.77 -4.99 -3.81
C ILE B 361 -8.61 -4.42 -3.02
N ILE B 362 -8.88 -3.45 -2.15
CA ILE B 362 -7.78 -2.87 -1.39
C ILE B 362 -7.17 -3.91 -0.45
N GLN B 363 -8.01 -4.74 0.17
CA GLN B 363 -7.48 -5.78 1.05
C GLN B 363 -6.63 -6.77 0.27
N ARG B 364 -7.07 -7.17 -0.92
CA ARG B 364 -6.29 -8.08 -1.74
C ARG B 364 -4.95 -7.47 -2.12
N MET B 365 -4.94 -6.19 -2.48
CA MET B 365 -3.69 -5.53 -2.84
C MET B 365 -2.73 -5.51 -1.66
N HIS B 366 -3.23 -5.17 -0.48
CA HIS B 366 -2.36 -5.17 0.70
C HIS B 366 -1.83 -6.56 0.99
N LEU B 367 -2.69 -7.57 0.91
CA LEU B 367 -2.28 -8.95 1.18
C LEU B 367 -1.19 -9.38 0.22
N ARG B 368 -1.34 -9.09 -1.06
CA ARG B 368 -0.31 -9.47 -2.02
C ARG B 368 0.96 -8.66 -1.81
N GLN B 369 0.83 -7.42 -1.33
CA GLN B 369 2.02 -6.63 -1.00
C GLN B 369 2.81 -7.27 0.13
N TYR B 370 2.12 -7.79 1.14
CA TYR B 370 2.79 -8.49 2.24
C TYR B 370 3.33 -9.86 1.81
N GLU B 371 2.98 -10.34 0.62
CA GLU B 371 3.46 -11.63 0.12
C GLU B 371 3.02 -12.77 1.03
N LEU B 372 1.71 -12.94 1.13
CA LEU B 372 1.11 -14.09 1.80
C LEU B 372 0.48 -15.05 0.79
N LEU B 373 -0.43 -14.55 -0.04
CA LEU B 373 -1.09 -15.37 -1.05
C LEU B 373 -0.40 -15.19 -2.40
N SER C 19 -17.92 10.75 -62.44
CA SER C 19 -16.65 11.10 -61.83
C SER C 19 -16.84 11.64 -60.41
N GLU C 20 -17.47 10.82 -59.56
CA GLU C 20 -17.69 11.24 -58.18
C GLU C 20 -16.36 11.46 -57.45
N LEU C 21 -15.43 10.50 -57.55
CA LEU C 21 -14.12 10.65 -56.92
C LEU C 21 -12.96 10.07 -57.72
N ASP C 22 -13.21 9.44 -58.86
CA ASP C 22 -12.15 8.68 -59.53
C ASP C 22 -11.04 9.62 -60.01
N GLN C 23 -11.40 10.53 -60.92
CA GLN C 23 -10.39 11.37 -61.56
C GLN C 23 -9.60 12.17 -60.53
N LEU C 24 -10.26 12.66 -59.49
CA LEU C 24 -9.56 13.45 -58.49
C LEU C 24 -8.51 12.62 -57.76
N ARG C 25 -8.84 11.37 -57.38
CA ARG C 25 -7.84 10.51 -56.76
C ARG C 25 -6.71 10.16 -57.73
N GLN C 26 -7.01 9.86 -59.00
CA GLN C 26 -5.91 9.56 -59.92
C GLN C 26 -4.98 10.76 -60.10
N GLU C 27 -5.55 11.96 -60.28
CA GLU C 27 -4.71 13.14 -60.48
C GLU C 27 -3.94 13.47 -59.21
N ALA C 28 -4.55 13.29 -58.04
CA ALA C 28 -3.82 13.48 -56.79
C ALA C 28 -2.68 12.48 -56.66
N GLU C 29 -2.91 11.24 -57.06
CA GLU C 29 -1.86 10.22 -56.99
C GLU C 29 -0.68 10.59 -57.87
N GLN C 30 -0.94 10.98 -59.12
CA GLN C 30 0.16 11.34 -60.00
C GLN C 30 0.84 12.62 -59.52
N LEU C 31 0.08 13.56 -58.96
CA LEU C 31 0.67 14.76 -58.40
C LEU C 31 1.63 14.41 -57.28
N LYS C 32 1.21 13.53 -56.37
CA LYS C 32 2.10 13.10 -55.29
C LYS C 32 3.31 12.36 -55.84
N ASN C 33 3.12 11.56 -56.87
CA ASN C 33 4.24 10.83 -57.48
C ASN C 33 5.30 11.80 -57.97
N GLN C 34 4.91 12.79 -58.77
CA GLN C 34 5.90 13.73 -59.27
C GLN C 34 6.42 14.62 -58.14
N ILE C 35 5.60 14.86 -57.12
CA ILE C 35 6.02 15.69 -55.99
C ILE C 35 7.19 15.04 -55.27
N ARG C 36 7.04 13.77 -54.88
CA ARG C 36 8.16 13.16 -54.16
C ARG C 36 9.28 12.72 -55.10
N ASP C 37 9.00 12.57 -56.40
CA ASP C 37 10.09 12.46 -57.36
C ASP C 37 11.00 13.68 -57.29
N ALA C 38 10.41 14.87 -57.35
CA ALA C 38 11.20 16.10 -57.21
C ALA C 38 11.84 16.18 -55.84
N ARG C 39 11.11 15.76 -54.81
CA ARG C 39 11.62 15.81 -53.44
C ARG C 39 12.92 15.02 -53.32
N LYS C 40 12.93 13.77 -53.78
CA LYS C 40 14.15 12.98 -53.72
C LYS C 40 15.20 13.53 -54.68
N ALA C 41 14.77 14.03 -55.83
CA ALA C 41 15.73 14.61 -56.78
C ALA C 41 16.39 15.87 -56.22
N CYS C 42 15.65 16.68 -55.47
CA CYS C 42 16.16 17.94 -54.94
C CYS C 42 17.07 17.76 -53.73
N ALA C 43 17.46 16.54 -53.39
CA ALA C 43 18.32 16.27 -52.26
C ALA C 43 19.64 15.69 -52.76
N ASP C 44 20.75 16.31 -52.34
CA ASP C 44 22.06 15.81 -52.73
C ASP C 44 22.49 14.64 -51.84
N ALA C 45 22.59 14.89 -50.53
CA ALA C 45 22.98 13.86 -49.57
C ALA C 45 22.67 14.37 -48.18
N THR C 46 22.71 13.46 -47.22
CA THR C 46 22.44 13.81 -45.84
C THR C 46 23.58 14.65 -45.26
N LEU C 47 23.27 15.39 -44.19
CA LEU C 47 24.25 16.26 -43.56
C LEU C 47 25.30 15.51 -42.77
N SER C 48 25.15 14.19 -42.60
CA SER C 48 26.08 13.43 -41.76
C SER C 48 27.52 13.64 -42.23
N GLN C 49 27.78 13.45 -43.52
CA GLN C 49 29.14 13.62 -44.02
C GLN C 49 29.59 15.07 -43.95
N ILE C 50 28.65 16.01 -44.06
CA ILE C 50 29.01 17.43 -43.93
C ILE C 50 29.40 17.76 -42.50
N THR C 51 28.66 17.21 -41.53
CA THR C 51 28.88 17.50 -40.13
C THR C 51 29.78 16.50 -39.42
N ASN C 52 30.21 15.43 -40.10
CA ASN C 52 31.07 14.45 -39.45
C ASN C 52 32.42 15.04 -39.07
N ASN C 53 32.87 16.04 -39.83
CA ASN C 53 34.18 16.63 -39.55
C ASN C 53 34.18 17.45 -38.26
N ILE C 54 33.02 17.99 -37.87
CA ILE C 54 32.98 18.86 -36.70
C ILE C 54 33.43 18.09 -35.47
N ASP C 55 33.94 18.83 -34.49
CA ASP C 55 34.49 18.24 -33.28
C ASP C 55 33.38 17.61 -32.44
N PRO C 56 33.48 16.32 -32.10
CA PRO C 56 32.49 15.72 -31.16
C PRO C 56 32.76 16.10 -29.72
N VAL C 57 32.17 17.23 -29.32
CA VAL C 57 32.38 17.81 -27.98
C VAL C 57 32.34 16.72 -26.92
N GLY C 58 31.38 15.80 -27.03
CA GLY C 58 31.38 14.62 -26.19
C GLY C 58 30.55 14.73 -24.93
N ARG C 59 31.20 14.52 -23.78
CA ARG C 59 30.49 14.41 -22.52
C ARG C 59 29.75 15.70 -22.18
N ILE C 60 28.59 15.55 -21.55
CA ILE C 60 27.77 16.66 -21.10
C ILE C 60 27.57 16.52 -19.60
N GLN C 61 27.72 17.62 -18.87
CA GLN C 61 27.66 17.62 -17.41
C GLN C 61 26.42 18.37 -16.94
N MET C 62 25.55 17.67 -16.20
CA MET C 62 24.38 18.28 -15.61
C MET C 62 24.06 17.55 -14.30
N ARG C 63 23.35 18.23 -13.42
CA ARG C 63 22.99 17.65 -12.14
C ARG C 63 21.99 18.56 -11.43
N THR C 64 21.20 17.99 -10.54
CA THR C 64 20.14 18.72 -9.87
C THR C 64 20.72 19.84 -9.00
N ARG C 65 19.96 20.92 -8.88
CA ARG C 65 20.35 22.06 -8.06
C ARG C 65 19.42 22.27 -6.88
N ARG C 66 18.13 22.47 -7.13
CA ARG C 66 17.15 22.74 -6.08
C ARG C 66 15.84 22.03 -6.38
N THR C 67 15.91 20.73 -6.68
CA THR C 67 14.75 19.95 -7.07
C THR C 67 13.52 20.35 -6.26
N LEU C 68 12.43 20.63 -6.98
CA LEU C 68 11.21 21.17 -6.39
C LEU C 68 10.21 20.04 -6.16
N ARG C 69 9.55 20.09 -5.00
CA ARG C 69 8.54 19.10 -4.65
C ARG C 69 7.40 19.79 -3.90
N GLY C 70 6.27 19.10 -3.82
CA GLY C 70 5.11 19.63 -3.14
C GLY C 70 3.81 19.38 -3.87
N HIS C 71 3.87 18.72 -5.02
CA HIS C 71 2.67 18.37 -5.77
C HIS C 71 2.04 17.10 -5.22
N LEU C 72 0.73 16.99 -5.41
CA LEU C 72 -0.04 15.87 -4.88
C LEU C 72 -0.14 14.71 -5.85
N ALA C 73 -0.02 14.95 -7.15
CA ALA C 73 -0.17 13.90 -8.14
C ALA C 73 0.80 14.16 -9.28
N LYS C 74 0.76 13.27 -10.28
CA LYS C 74 1.69 13.36 -11.40
C LYS C 74 1.44 14.61 -12.24
N ILE C 75 2.51 15.12 -12.83
CA ILE C 75 2.48 16.36 -13.59
C ILE C 75 2.47 16.02 -15.08
N TYR C 76 1.99 16.97 -15.90
CA TYR C 76 1.86 16.77 -17.33
C TYR C 76 2.51 17.84 -18.20
N ALA C 77 2.69 19.06 -17.70
CA ALA C 77 3.21 20.12 -18.55
C ALA C 77 3.86 21.19 -17.69
N MET C 78 4.63 22.05 -18.34
CA MET C 78 5.29 23.17 -17.69
C MET C 78 5.84 24.09 -18.76
N HIS C 79 5.77 25.40 -18.51
CA HIS C 79 6.27 26.41 -19.43
C HIS C 79 7.18 27.37 -18.68
N TRP C 80 8.38 27.58 -19.21
CA TRP C 80 9.31 28.51 -18.61
C TRP C 80 8.85 29.95 -18.84
N GLY C 81 9.04 30.80 -17.85
CA GLY C 81 8.70 32.19 -17.98
C GLY C 81 9.59 32.87 -19.01
N THR C 82 9.45 34.20 -19.07
CA THR C 82 10.25 35.00 -19.98
C THR C 82 11.52 35.56 -19.34
N ASP C 83 11.78 35.23 -18.08
CA ASP C 83 12.99 35.65 -17.39
C ASP C 83 13.81 34.48 -16.87
N SER C 84 13.50 33.25 -17.29
CA SER C 84 14.23 32.05 -16.91
C SER C 84 14.16 31.77 -15.41
N ARG C 85 13.24 32.42 -14.70
CA ARG C 85 13.12 32.26 -13.25
C ARG C 85 11.82 31.57 -12.84
N LEU C 86 10.68 32.09 -13.28
CA LEU C 86 9.39 31.53 -12.90
C LEU C 86 9.16 30.20 -13.61
N LEU C 87 8.17 29.46 -13.12
CA LEU C 87 7.85 28.14 -13.66
C LEU C 87 6.49 27.69 -13.15
N VAL C 88 5.64 27.21 -14.05
CA VAL C 88 4.27 26.81 -13.72
C VAL C 88 4.06 25.38 -14.17
N SER C 89 3.43 24.58 -13.32
CA SER C 89 3.13 23.19 -13.62
C SER C 89 1.74 22.84 -13.10
N ALA C 90 1.14 21.82 -13.70
CA ALA C 90 -0.20 21.37 -13.33
C ALA C 90 -0.23 19.85 -13.26
N SER C 91 -1.01 19.34 -12.30
CA SER C 91 -1.14 17.91 -12.06
C SER C 91 -2.63 17.57 -11.94
N GLN C 92 -2.92 16.29 -11.75
CA GLN C 92 -4.30 15.81 -11.71
C GLN C 92 -4.91 16.00 -10.32
N ASP C 93 -4.87 17.24 -9.82
CA ASP C 93 -5.57 17.59 -8.59
C ASP C 93 -6.20 18.97 -8.68
N GLY C 94 -6.35 19.51 -9.88
CA GLY C 94 -6.85 20.86 -10.03
C GLY C 94 -5.96 21.91 -9.43
N LYS C 95 -4.66 21.63 -9.31
CA LYS C 95 -3.71 22.55 -8.69
C LYS C 95 -2.76 23.06 -9.76
N LEU C 96 -2.84 24.36 -10.04
CA LEU C 96 -1.91 25.05 -10.92
C LEU C 96 -1.20 26.11 -10.07
N ILE C 97 0.08 25.88 -9.78
CA ILE C 97 0.81 26.68 -8.81
C ILE C 97 2.06 27.24 -9.48
N ILE C 98 2.48 28.42 -9.02
CA ILE C 98 3.63 29.13 -9.57
C ILE C 98 4.83 28.88 -8.66
N TRP C 99 5.95 28.53 -9.27
CA TRP C 99 7.20 28.26 -8.56
C TRP C 99 8.17 29.41 -8.78
N ASP C 100 9.37 29.25 -8.22
CA ASP C 100 10.46 30.19 -8.44
C ASP C 100 11.76 29.40 -8.20
N SER C 101 12.43 29.01 -9.28
CA SER C 101 13.57 28.11 -9.15
C SER C 101 14.83 28.88 -8.77
N TYR C 102 14.74 29.69 -7.72
CA TYR C 102 15.89 30.32 -7.08
C TYR C 102 15.86 30.15 -5.56
N THR C 103 14.67 30.05 -4.97
CA THR C 103 14.52 29.78 -3.54
C THR C 103 13.41 28.79 -3.26
N THR C 104 12.82 28.18 -4.29
CA THR C 104 11.81 27.14 -4.11
C THR C 104 10.64 27.65 -3.26
N ASN C 105 10.15 28.83 -3.60
CA ASN C 105 8.98 29.40 -2.95
C ASN C 105 7.74 29.04 -3.77
N LYS C 106 6.58 29.58 -3.37
CA LYS C 106 5.32 29.39 -4.10
C LYS C 106 4.56 30.71 -4.02
N VAL C 107 4.72 31.54 -5.04
CA VAL C 107 4.12 32.87 -5.03
C VAL C 107 2.60 32.78 -5.11
N HIS C 108 2.09 31.97 -6.02
CA HIS C 108 0.65 31.88 -6.25
C HIS C 108 0.24 30.43 -6.50
N ALA C 109 -0.87 30.03 -5.90
CA ALA C 109 -1.47 28.73 -6.13
C ALA C 109 -2.88 28.93 -6.65
N ILE C 110 -3.22 28.26 -7.74
CA ILE C 110 -4.48 28.44 -8.43
C ILE C 110 -5.29 27.14 -8.31
N PRO C 111 -6.46 27.14 -7.66
CA PRO C 111 -7.31 25.95 -7.68
C PRO C 111 -8.19 25.90 -8.91
N LEU C 112 -8.11 24.82 -9.68
CA LEU C 112 -8.83 24.72 -10.93
C LEU C 112 -10.26 24.24 -10.66
N ARG C 113 -10.99 23.92 -11.72
CA ARG C 113 -12.34 23.36 -11.63
C ARG C 113 -12.38 21.88 -11.99
N SER C 114 -11.75 21.48 -13.09
CA SER C 114 -11.67 20.08 -13.46
C SER C 114 -10.55 19.41 -12.66
N SER C 115 -10.25 18.15 -13.01
CA SER C 115 -9.21 17.41 -12.29
C SER C 115 -8.34 16.58 -13.22
N TRP C 116 -8.35 16.85 -14.52
CA TRP C 116 -7.58 16.08 -15.50
C TRP C 116 -6.92 17.00 -16.51
N VAL C 117 -6.31 18.09 -16.02
CA VAL C 117 -5.65 19.01 -16.92
C VAL C 117 -4.49 18.31 -17.63
N MET C 118 -4.25 18.73 -18.89
CA MET C 118 -3.17 18.13 -19.67
C MET C 118 -2.38 19.18 -20.47
N THR C 119 -2.42 20.44 -20.05
CA THR C 119 -1.71 21.48 -20.79
C THR C 119 -1.47 22.67 -19.87
N CYS C 120 -0.44 23.45 -20.19
CA CYS C 120 -0.12 24.65 -19.45
C CYS C 120 0.57 25.63 -20.39
N ALA C 121 0.57 26.90 -19.99
CA ALA C 121 1.20 27.94 -20.79
C ALA C 121 1.48 29.15 -19.91
N TYR C 122 2.36 30.02 -20.41
CA TYR C 122 2.74 31.23 -19.72
C TYR C 122 2.72 32.39 -20.69
N ALA C 123 2.25 33.54 -20.22
CA ALA C 123 2.15 34.70 -21.09
C ALA C 123 3.53 35.25 -21.43
N PRO C 124 3.67 35.94 -22.56
CA PRO C 124 4.98 36.54 -22.87
C PRO C 124 5.29 37.74 -22.01
N SER C 125 4.28 38.48 -21.57
CA SER C 125 4.45 39.58 -20.63
C SER C 125 4.48 39.11 -19.19
N GLY C 126 4.28 37.81 -18.95
CA GLY C 126 4.28 37.28 -17.61
C GLY C 126 3.02 37.56 -16.82
N ASN C 127 1.96 38.04 -17.47
CA ASN C 127 0.74 38.42 -16.77
C ASN C 127 -0.28 37.29 -16.76
N TYR C 128 -0.69 36.83 -17.94
CA TYR C 128 -1.77 35.86 -18.04
C TYR C 128 -1.23 34.43 -17.95
N VAL C 129 -2.09 33.54 -17.45
CA VAL C 129 -1.78 32.12 -17.34
C VAL C 129 -2.97 31.34 -17.88
N ALA C 130 -2.70 30.37 -18.74
CA ALA C 130 -3.74 29.56 -19.35
C ALA C 130 -3.73 28.16 -18.74
N CYS C 131 -4.67 27.33 -19.17
CA CYS C 131 -4.77 25.95 -18.73
C CYS C 131 -5.83 25.27 -19.60
N GLY C 132 -6.14 24.01 -19.28
CA GLY C 132 -7.15 23.27 -20.01
C GLY C 132 -7.12 21.80 -19.71
N GLY C 133 -7.15 20.96 -20.73
CA GLY C 133 -7.03 19.52 -20.58
C GLY C 133 -8.25 18.80 -21.15
N LEU C 134 -8.75 17.83 -20.38
CA LEU C 134 -9.86 16.99 -20.79
C LEU C 134 -11.21 17.63 -20.53
N ASP C 135 -11.25 18.93 -20.23
CA ASP C 135 -12.48 19.63 -19.94
C ASP C 135 -13.07 20.36 -21.14
N ASN C 136 -12.47 20.20 -22.32
CA ASN C 136 -12.96 20.86 -23.53
C ASN C 136 -13.09 22.37 -23.31
N ILE C 137 -12.00 22.98 -22.86
CA ILE C 137 -12.02 24.40 -22.48
C ILE C 137 -10.58 24.89 -22.45
N CYS C 138 -10.40 26.20 -22.57
CA CYS C 138 -9.10 26.84 -22.57
C CYS C 138 -9.08 28.05 -21.64
N SER C 139 -9.59 27.86 -20.43
CA SER C 139 -9.72 28.96 -19.50
C SER C 139 -8.36 29.58 -19.17
N ILE C 140 -8.38 30.86 -18.83
CA ILE C 140 -7.19 31.60 -18.46
C ILE C 140 -7.46 32.38 -17.19
N TYR C 141 -6.38 32.82 -16.53
CA TYR C 141 -6.47 33.57 -15.28
C TYR C 141 -5.55 34.77 -15.34
N ASN C 142 -5.94 35.83 -14.62
CA ASN C 142 -5.19 37.07 -14.57
C ASN C 142 -4.50 37.21 -13.22
N LEU C 143 -3.33 37.87 -13.23
CA LEU C 143 -2.52 38.04 -12.04
C LEU C 143 -2.41 39.50 -11.61
N LYS C 144 -3.29 40.37 -12.13
CA LYS C 144 -3.31 41.78 -11.77
C LYS C 144 -4.60 42.15 -11.03
N THR C 145 -5.14 41.23 -10.24
CA THR C 145 -6.35 41.51 -9.49
C THR C 145 -6.10 42.60 -8.45
N ARG C 146 -7.07 43.51 -8.30
CA ARG C 146 -6.94 44.57 -7.31
C ARG C 146 -6.87 44.00 -5.90
N GLU C 147 -7.71 43.00 -5.60
CA GLU C 147 -7.75 42.41 -4.27
C GLU C 147 -6.55 41.51 -4.01
N GLY C 148 -5.75 41.19 -5.04
CA GLY C 148 -4.52 40.46 -4.87
C GLY C 148 -4.61 38.98 -5.16
N ASN C 149 -5.81 38.40 -5.19
CA ASN C 149 -5.99 36.99 -5.48
C ASN C 149 -6.02 36.78 -7.00
N VAL C 150 -6.38 35.57 -7.42
CA VAL C 150 -6.50 35.23 -8.84
C VAL C 150 -7.92 34.73 -9.08
N ARG C 151 -8.57 35.31 -10.09
CA ARG C 151 -9.95 34.98 -10.43
C ARG C 151 -10.02 34.52 -11.88
N VAL C 152 -11.03 33.69 -12.17
CA VAL C 152 -11.17 33.16 -13.52
C VAL C 152 -11.50 34.30 -14.49
N SER C 153 -11.15 34.09 -15.75
CA SER C 153 -11.35 35.06 -16.81
C SER C 153 -12.28 34.45 -17.87
N ARG C 154 -12.42 35.14 -19.00
CA ARG C 154 -13.31 34.70 -20.04
C ARG C 154 -12.99 33.26 -20.45
N GLU C 155 -13.97 32.38 -20.30
CA GLU C 155 -13.80 30.95 -20.57
C GLU C 155 -13.98 30.72 -22.06
N LEU C 156 -12.86 30.74 -22.79
CA LEU C 156 -12.89 30.51 -24.23
C LEU C 156 -13.12 29.03 -24.50
N ALA C 157 -14.32 28.69 -24.96
CA ALA C 157 -14.72 27.32 -25.23
C ALA C 157 -15.40 27.23 -26.58
N GLY C 158 -15.60 26.00 -27.04
CA GLY C 158 -16.23 25.78 -28.34
C GLY C 158 -15.66 24.59 -29.08
N HIS C 159 -14.58 24.02 -28.56
CA HIS C 159 -13.97 22.85 -29.18
C HIS C 159 -14.86 21.62 -28.97
N THR C 160 -14.40 20.49 -29.50
CA THR C 160 -15.10 19.22 -29.39
C THR C 160 -14.15 18.12 -28.96
N GLY C 161 -13.26 18.43 -28.03
CA GLY C 161 -12.29 17.46 -27.58
C GLY C 161 -11.48 17.98 -26.43
N TYR C 162 -10.39 17.29 -26.15
CA TYR C 162 -9.51 17.62 -25.03
C TYR C 162 -8.38 18.52 -25.50
N LEU C 163 -8.19 19.64 -24.83
CA LEU C 163 -7.12 20.58 -25.18
C LEU C 163 -5.77 19.92 -24.92
N SER C 164 -4.88 19.97 -25.92
CA SER C 164 -3.58 19.34 -25.81
C SER C 164 -2.47 20.35 -25.52
N CYS C 165 -2.40 21.42 -26.30
CA CYS C 165 -1.41 22.48 -26.07
C CYS C 165 -2.00 23.81 -26.50
N CYS C 166 -1.64 24.86 -25.79
CA CYS C 166 -2.17 26.20 -26.05
C CYS C 166 -1.09 27.23 -25.70
N ARG C 167 -0.32 27.65 -26.71
CA ARG C 167 0.75 28.61 -26.50
C ARG C 167 0.17 30.03 -26.52
N PHE C 168 1.06 31.03 -26.55
CA PHE C 168 0.66 32.44 -26.57
C PHE C 168 1.35 33.14 -27.73
N LEU C 169 0.59 33.42 -28.80
CA LEU C 169 1.12 34.28 -29.85
C LEU C 169 1.41 35.68 -29.33
N ASP C 170 0.51 36.22 -28.51
CA ASP C 170 0.60 37.57 -28.00
C ASP C 170 -0.31 37.63 -26.77
N ASP C 171 -0.45 38.81 -26.17
CA ASP C 171 -1.32 38.99 -25.02
C ASP C 171 -2.81 38.91 -25.38
N ASN C 172 -3.15 38.87 -26.67
CA ASN C 172 -4.54 38.87 -27.10
C ASN C 172 -4.94 37.65 -27.90
N GLN C 173 -4.00 36.87 -28.41
CA GLN C 173 -4.29 35.71 -29.23
C GLN C 173 -3.69 34.46 -28.60
N ILE C 174 -4.47 33.38 -28.58
CA ILE C 174 -4.06 32.14 -27.93
C ILE C 174 -4.38 30.96 -28.84
N VAL C 175 -3.38 30.48 -29.59
CA VAL C 175 -3.57 29.28 -30.39
C VAL C 175 -3.85 28.11 -29.46
N THR C 176 -4.52 27.08 -29.99
CA THR C 176 -4.89 25.91 -29.21
C THR C 176 -4.74 24.66 -30.07
N SER C 177 -5.15 23.53 -29.51
CA SER C 177 -5.15 22.25 -30.22
C SER C 177 -6.43 21.51 -29.84
N SER C 178 -6.51 20.24 -30.21
CA SER C 178 -7.66 19.43 -29.87
C SER C 178 -7.42 18.00 -30.34
N GLY C 179 -8.15 17.08 -29.72
CA GLY C 179 -8.19 15.71 -30.15
C GLY C 179 -9.21 15.43 -31.22
N ASP C 180 -9.90 16.45 -31.73
CA ASP C 180 -10.91 16.31 -32.76
C ASP C 180 -10.43 16.80 -34.12
N THR C 181 -9.10 16.88 -34.32
CA THR C 181 -8.53 17.33 -35.58
C THR C 181 -8.94 18.78 -35.89
N THR C 182 -8.53 19.67 -34.99
CA THR C 182 -8.81 21.09 -35.17
C THR C 182 -7.70 21.91 -34.54
N CYS C 183 -7.50 23.11 -35.09
CA CYS C 183 -6.52 24.06 -34.56
C CYS C 183 -7.02 25.46 -34.89
N ALA C 184 -7.50 26.17 -33.87
CA ALA C 184 -8.08 27.49 -34.07
C ALA C 184 -7.61 28.43 -32.98
N LEU C 185 -7.11 29.59 -33.37
CA LEU C 185 -6.73 30.61 -32.41
C LEU C 185 -7.97 31.34 -31.91
N TRP C 186 -7.84 31.97 -30.74
CA TRP C 186 -8.96 32.66 -30.12
C TRP C 186 -8.60 34.10 -29.77
N ASP C 187 -9.52 34.80 -29.11
CA ASP C 187 -9.29 36.16 -28.65
C ASP C 187 -9.81 36.29 -27.22
N ILE C 188 -9.28 37.28 -26.52
CA ILE C 188 -9.63 37.47 -25.11
C ILE C 188 -10.65 38.60 -24.97
N GLU C 189 -10.67 39.51 -25.94
CA GLU C 189 -11.60 40.64 -25.87
C GLU C 189 -13.04 40.15 -25.85
N THR C 190 -13.41 39.31 -26.81
CA THR C 190 -14.74 38.70 -26.87
C THR C 190 -14.68 37.19 -26.83
N GLY C 191 -13.82 36.58 -27.66
CA GLY C 191 -13.67 35.15 -27.71
C GLY C 191 -14.38 34.55 -28.91
N GLN C 192 -13.64 34.30 -29.98
CA GLN C 192 -14.17 33.74 -31.21
C GLN C 192 -13.03 33.13 -31.99
N GLN C 193 -13.30 32.01 -32.66
CA GLN C 193 -12.30 31.35 -33.50
C GLN C 193 -12.30 32.03 -34.86
N THR C 194 -11.48 33.07 -34.99
CA THR C 194 -11.38 33.79 -36.26
C THR C 194 -10.81 32.95 -37.38
N THR C 195 -10.21 31.81 -37.06
CA THR C 195 -9.70 30.89 -38.07
C THR C 195 -9.81 29.47 -37.52
N THR C 196 -9.78 28.50 -38.43
CA THR C 196 -9.90 27.10 -38.04
C THR C 196 -9.05 26.27 -39.01
N PHE C 197 -7.81 26.00 -38.62
CA PHE C 197 -6.92 25.20 -39.44
C PHE C 197 -7.37 23.75 -39.43
N THR C 198 -7.40 23.12 -40.61
CA THR C 198 -7.88 21.76 -40.73
C THR C 198 -7.12 21.06 -41.85
N GLY C 199 -7.12 19.73 -41.79
CA GLY C 199 -6.43 18.93 -42.79
C GLY C 199 -5.81 17.68 -42.23
N HIS C 200 -5.66 17.59 -40.92
CA HIS C 200 -5.17 16.37 -40.30
C HIS C 200 -6.23 15.28 -40.39
N THR C 201 -5.93 14.13 -39.83
CA THR C 201 -6.89 13.03 -39.78
C THR C 201 -7.07 12.46 -38.38
N GLY C 202 -6.00 12.39 -37.58
CA GLY C 202 -6.08 11.84 -36.25
C GLY C 202 -6.26 12.90 -35.18
N ASP C 203 -5.45 12.82 -34.13
CA ASP C 203 -5.49 13.76 -33.03
C ASP C 203 -4.27 14.68 -33.10
N VAL C 204 -4.50 15.98 -33.01
CA VAL C 204 -3.41 16.95 -33.02
C VAL C 204 -2.75 16.98 -31.64
N MET C 205 -1.63 16.27 -31.51
CA MET C 205 -1.02 16.11 -30.20
C MET C 205 -0.45 17.42 -29.66
N SER C 206 0.32 18.14 -30.46
CA SER C 206 0.99 19.33 -29.94
C SER C 206 1.31 20.26 -31.11
N LEU C 207 1.59 21.51 -30.76
CA LEU C 207 1.95 22.52 -31.75
C LEU C 207 3.10 23.35 -31.20
N SER C 208 4.04 23.69 -32.07
CA SER C 208 5.20 24.50 -31.71
C SER C 208 5.04 25.88 -32.33
N LEU C 209 5.16 26.91 -31.48
CA LEU C 209 4.96 28.28 -31.93
C LEU C 209 6.26 28.82 -32.52
N ALA C 210 6.13 29.53 -33.64
CA ALA C 210 7.31 29.97 -34.37
C ALA C 210 8.09 31.00 -33.55
N PRO C 211 9.43 31.05 -33.73
CA PRO C 211 10.21 32.02 -32.96
C PRO C 211 9.80 33.46 -33.18
N ASP C 212 9.37 33.80 -34.40
CA ASP C 212 9.01 35.17 -34.74
C ASP C 212 7.50 35.40 -34.68
N THR C 213 6.72 34.42 -34.23
CA THR C 213 5.27 34.55 -34.11
C THR C 213 4.64 34.85 -35.46
N ARG C 214 5.12 34.17 -36.51
CA ARG C 214 4.56 34.32 -37.85
C ARG C 214 4.32 32.96 -38.51
N LEU C 215 4.30 31.89 -37.74
CA LEU C 215 4.10 30.54 -38.25
C LEU C 215 3.95 29.60 -37.07
N PHE C 216 3.66 28.33 -37.36
CA PHE C 216 3.61 27.30 -36.33
C PHE C 216 3.45 25.96 -37.03
N VAL C 217 3.78 24.89 -36.29
CA VAL C 217 3.69 23.53 -36.78
C VAL C 217 2.95 22.70 -35.74
N SER C 218 2.45 21.55 -36.18
CA SER C 218 1.72 20.64 -35.29
C SER C 218 1.98 19.21 -35.72
N GLY C 219 1.90 18.31 -34.74
CA GLY C 219 2.11 16.89 -34.99
C GLY C 219 0.89 16.06 -34.63
N ALA C 220 0.26 15.45 -35.63
CA ALA C 220 -0.96 14.69 -35.43
C ALA C 220 -0.62 13.25 -35.02
N CYS C 221 -1.66 12.47 -34.77
CA CYS C 221 -1.53 11.07 -34.39
C CYS C 221 -1.66 10.12 -35.59
N ASP C 222 -1.79 10.66 -36.81
CA ASP C 222 -1.90 9.85 -38.01
C ASP C 222 -0.57 9.70 -38.73
N ALA C 223 0.53 9.67 -37.98
CA ALA C 223 1.87 9.46 -38.54
C ALA C 223 2.23 10.56 -39.54
N SER C 224 1.95 11.80 -39.15
CA SER C 224 2.28 12.94 -39.99
C SER C 224 2.29 14.20 -39.14
N ALA C 225 3.02 15.21 -39.62
CA ALA C 225 3.08 16.51 -38.95
C ALA C 225 3.28 17.57 -40.04
N LYS C 226 2.19 18.14 -40.51
CA LYS C 226 2.23 19.07 -41.64
C LYS C 226 2.46 20.49 -41.17
N LEU C 227 2.88 21.33 -42.12
CA LEU C 227 3.11 22.75 -41.85
C LEU C 227 1.79 23.50 -41.76
N TRP C 228 1.85 24.70 -41.21
CA TRP C 228 0.67 25.55 -41.08
C TRP C 228 1.07 27.01 -41.18
N ASP C 229 0.20 27.81 -41.77
CA ASP C 229 0.43 29.25 -41.89
C ASP C 229 0.02 29.91 -40.58
N VAL C 230 -0.04 31.25 -40.57
CA VAL C 230 -0.31 32.00 -39.35
C VAL C 230 -1.51 32.92 -39.53
N ARG C 231 -1.79 33.32 -40.77
CA ARG C 231 -2.81 34.34 -41.02
C ARG C 231 -3.85 33.94 -42.07
N GLU C 232 -3.70 32.80 -42.74
CA GLU C 232 -4.72 32.34 -43.67
C GLU C 232 -5.09 30.87 -43.48
N GLY C 233 -4.44 30.15 -42.57
CA GLY C 233 -4.81 28.78 -42.31
C GLY C 233 -4.74 27.90 -43.54
N MET C 234 -3.66 28.02 -44.29
CA MET C 234 -3.46 27.27 -45.53
C MET C 234 -2.22 26.39 -45.37
N CYS C 235 -2.43 25.07 -45.28
CA CYS C 235 -1.30 24.15 -45.26
C CYS C 235 -0.48 24.32 -46.53
N ARG C 236 0.84 24.28 -46.38
CA ARG C 236 1.73 24.55 -47.50
C ARG C 236 2.91 23.58 -47.54
N GLN C 237 2.79 22.43 -46.89
CA GLN C 237 3.85 21.43 -46.93
C GLN C 237 3.37 20.17 -46.21
N THR C 238 4.02 19.05 -46.51
CA THR C 238 3.76 17.78 -45.88
C THR C 238 5.09 17.17 -45.44
N PHE C 239 5.05 16.47 -44.30
CA PHE C 239 6.24 15.93 -43.66
C PHE C 239 6.03 14.49 -43.23
N THR C 240 5.56 13.65 -44.16
CA THR C 240 5.38 12.23 -43.86
C THR C 240 6.62 11.67 -43.19
N GLY C 241 6.46 11.20 -41.96
CA GLY C 241 7.58 10.80 -41.13
C GLY C 241 7.40 9.46 -40.45
N HIS C 242 7.47 9.47 -39.11
CA HIS C 242 7.40 8.23 -38.35
C HIS C 242 6.22 7.38 -38.81
N GLU C 243 6.36 6.06 -38.64
CA GLU C 243 5.30 5.11 -38.92
C GLU C 243 4.47 4.79 -37.69
N SER C 244 4.42 5.69 -36.71
CA SER C 244 3.66 5.50 -35.50
C SER C 244 3.18 6.88 -35.03
N ASP C 245 2.68 6.95 -33.80
CA ASP C 245 2.15 8.19 -33.28
C ASP C 245 3.28 9.19 -33.00
N ILE C 246 2.89 10.44 -32.80
CA ILE C 246 3.81 11.52 -32.46
C ILE C 246 3.34 12.13 -31.15
N ASN C 247 4.29 12.70 -30.39
CA ASN C 247 3.95 13.29 -29.10
C ASN C 247 4.63 14.63 -28.82
N ALA C 248 5.48 15.13 -29.71
CA ALA C 248 6.17 16.38 -29.44
C ALA C 248 6.69 16.98 -30.72
N ILE C 249 6.99 18.27 -30.67
CA ILE C 249 7.58 18.99 -31.80
C ILE C 249 8.10 20.32 -31.29
N CYS C 250 9.22 20.78 -31.85
CA CYS C 250 9.82 22.05 -31.42
C CYS C 250 10.66 22.61 -32.56
N PHE C 251 10.60 23.94 -32.72
CA PHE C 251 11.33 24.61 -33.78
C PHE C 251 12.84 24.61 -33.48
N PHE C 252 13.62 25.11 -34.46
CA PHE C 252 15.03 25.40 -34.30
C PHE C 252 15.23 26.87 -33.97
N PRO C 253 16.18 27.21 -33.09
CA PRO C 253 16.33 28.62 -32.68
C PRO C 253 16.36 29.61 -33.83
N ASN C 254 16.76 29.19 -35.03
CA ASN C 254 16.81 30.09 -36.18
C ASN C 254 15.51 30.12 -36.96
N GLY C 255 14.48 29.38 -36.53
CA GLY C 255 13.23 29.34 -37.26
C GLY C 255 13.38 28.73 -38.63
N ASN C 256 14.11 27.60 -38.71
CA ASN C 256 14.35 26.93 -39.98
C ASN C 256 14.05 25.45 -39.98
N ALA C 257 13.99 24.80 -38.82
CA ALA C 257 13.77 23.36 -38.76
C ALA C 257 13.12 23.00 -37.44
N PHE C 258 12.56 21.79 -37.38
CA PHE C 258 11.93 21.29 -36.18
C PHE C 258 12.22 19.80 -36.03
N ALA C 259 12.20 19.32 -34.80
CA ALA C 259 12.43 17.93 -34.47
C ALA C 259 11.15 17.29 -33.97
N THR C 260 10.92 16.03 -34.33
CA THR C 260 9.69 15.32 -34.01
C THR C 260 10.01 14.05 -33.24
N GLY C 261 9.22 13.77 -32.20
CA GLY C 261 9.31 12.54 -31.46
C GLY C 261 8.43 11.46 -32.05
N SER C 262 8.32 10.36 -31.30
CA SER C 262 7.51 9.22 -31.71
C SER C 262 7.42 8.25 -30.54
N ASP C 263 6.80 7.10 -30.78
CA ASP C 263 6.69 6.05 -29.78
C ASP C 263 7.59 4.86 -30.09
N ASP C 264 8.22 4.83 -31.25
CA ASP C 264 9.11 3.74 -31.62
C ASP C 264 10.57 4.00 -31.22
N ALA C 265 10.81 4.94 -30.31
CA ALA C 265 12.15 5.23 -29.82
C ALA C 265 13.04 5.76 -30.93
N THR C 266 12.51 6.65 -31.77
CA THR C 266 13.24 7.20 -32.91
C THR C 266 12.98 8.70 -32.98
N CYS C 267 13.84 9.49 -32.35
CA CYS C 267 13.85 10.92 -32.59
C CYS C 267 14.45 11.21 -33.96
N ARG C 268 13.91 12.23 -34.63
CA ARG C 268 14.45 12.63 -35.92
C ARG C 268 14.15 14.11 -36.14
N LEU C 269 14.95 14.73 -37.00
CA LEU C 269 14.87 16.15 -37.28
C LEU C 269 14.47 16.36 -38.73
N PHE C 270 13.51 17.26 -38.96
CA PHE C 270 13.04 17.59 -40.29
C PHE C 270 13.39 19.04 -40.62
N ASP C 271 13.68 19.28 -41.89
CA ASP C 271 14.06 20.61 -42.37
C ASP C 271 12.95 21.17 -43.25
N LEU C 272 12.76 22.49 -43.16
CA LEU C 272 11.75 23.18 -43.95
C LEU C 272 12.17 23.39 -45.40
N ARG C 273 13.41 23.05 -45.75
CA ARG C 273 13.91 23.25 -47.11
C ARG C 273 14.12 21.95 -47.86
N ALA C 274 14.55 20.88 -47.19
CA ALA C 274 14.72 19.60 -47.85
C ALA C 274 13.38 18.93 -48.17
N ASP C 275 12.34 19.22 -47.39
CA ASP C 275 11.02 18.65 -47.60
C ASP C 275 11.01 17.13 -47.38
N GLN C 276 12.00 16.60 -46.66
CA GLN C 276 12.09 15.18 -46.41
C GLN C 276 12.88 14.96 -45.12
N GLU C 277 13.09 13.69 -44.77
CA GLU C 277 13.82 13.36 -43.56
C GLU C 277 15.28 13.76 -43.69
N LEU C 278 15.87 14.18 -42.57
CA LEU C 278 17.26 14.63 -42.52
C LEU C 278 18.16 13.70 -41.72
N MET C 279 17.81 13.42 -40.46
CA MET C 279 18.66 12.62 -39.61
C MET C 279 17.79 11.89 -38.59
N THR C 280 18.16 10.64 -38.32
CA THR C 280 17.48 9.81 -37.33
C THR C 280 18.35 9.67 -36.09
N TYR C 281 17.69 9.39 -34.97
CA TYR C 281 18.34 9.27 -33.66
C TYR C 281 17.89 8.00 -32.96
N SER C 282 17.87 6.89 -33.69
CA SER C 282 17.31 5.63 -33.21
C SER C 282 18.43 4.68 -32.83
N HIS C 283 18.34 4.13 -31.61
CA HIS C 283 19.25 3.10 -31.14
C HIS C 283 18.42 1.95 -30.58
N ASP C 284 18.86 0.72 -30.86
CA ASP C 284 18.10 -0.47 -30.50
C ASP C 284 18.30 -0.89 -29.05
N ASN C 285 19.02 -0.10 -28.25
CA ASN C 285 19.24 -0.47 -26.86
C ASN C 285 17.99 -0.28 -26.01
N ILE C 286 17.18 0.73 -26.30
CA ILE C 286 15.93 0.97 -25.61
C ILE C 286 14.80 1.02 -26.63
N ILE C 287 13.71 0.32 -26.35
CA ILE C 287 12.59 0.21 -27.27
C ILE C 287 11.35 0.83 -26.64
N CYS C 288 11.54 1.85 -25.81
CA CYS C 288 10.45 2.50 -25.11
C CYS C 288 9.91 3.65 -25.98
N GLY C 289 9.06 4.49 -25.40
CA GLY C 289 8.44 5.58 -26.11
C GLY C 289 8.99 6.92 -25.68
N ILE C 290 8.84 7.92 -26.56
CA ILE C 290 9.30 9.27 -26.29
C ILE C 290 8.11 10.08 -25.80
N THR C 291 8.39 11.16 -25.07
CA THR C 291 7.33 12.03 -24.59
C THR C 291 7.64 13.52 -24.76
N SER C 292 8.84 13.89 -25.17
CA SER C 292 9.16 15.30 -25.33
C SER C 292 10.47 15.44 -26.09
N VAL C 293 10.72 16.64 -26.58
CA VAL C 293 11.95 16.97 -27.28
C VAL C 293 12.27 18.44 -27.01
N SER C 294 13.56 18.77 -26.99
CA SER C 294 13.98 20.13 -26.72
C SER C 294 15.41 20.32 -27.20
N PHE C 295 15.61 21.35 -28.03
CA PHE C 295 16.94 21.69 -28.51
C PHE C 295 17.75 22.40 -27.45
N SER C 296 19.06 22.26 -27.52
CA SER C 296 19.94 23.02 -26.65
C SER C 296 19.95 24.50 -27.06
N LYS C 297 20.31 25.36 -26.11
CA LYS C 297 20.32 26.79 -26.39
C LYS C 297 21.19 27.12 -27.60
N SER C 298 22.24 26.35 -27.83
CA SER C 298 23.11 26.53 -28.98
C SER C 298 22.67 25.72 -30.19
N GLY C 299 21.58 24.96 -30.07
CA GLY C 299 21.12 24.15 -31.19
C GLY C 299 22.09 23.06 -31.59
N ARG C 300 22.70 22.39 -30.62
CA ARG C 300 23.64 21.32 -30.89
C ARG C 300 23.33 20.01 -30.19
N LEU C 301 22.52 20.01 -29.13
CA LEU C 301 22.15 18.80 -28.42
C LEU C 301 20.63 18.67 -28.40
N LEU C 302 20.14 17.45 -28.64
CA LEU C 302 18.72 17.14 -28.62
C LEU C 302 18.41 16.36 -27.36
N LEU C 303 17.43 16.83 -26.59
CA LEU C 303 17.07 16.22 -25.32
C LEU C 303 15.82 15.37 -25.50
N ALA C 304 15.93 14.08 -25.19
CA ALA C 304 14.82 13.16 -25.33
C ALA C 304 14.08 13.01 -24.00
N GLY C 305 12.91 12.37 -24.06
CA GLY C 305 12.08 12.16 -22.89
C GLY C 305 11.67 10.71 -22.76
N TYR C 306 12.60 9.80 -23.04
CA TYR C 306 12.30 8.37 -23.12
C TYR C 306 11.42 7.90 -21.97
N ASP C 307 10.54 6.93 -22.25
CA ASP C 307 9.60 6.43 -21.26
C ASP C 307 10.28 5.64 -20.14
N ASP C 308 11.56 5.28 -20.29
CA ASP C 308 12.26 4.47 -19.31
C ASP C 308 12.79 5.30 -18.14
N PHE C 309 12.27 6.50 -17.92
CA PHE C 309 12.65 7.42 -16.84
C PHE C 309 14.01 8.04 -17.09
N ASN C 310 14.63 7.81 -18.25
CA ASN C 310 15.96 8.32 -18.54
C ASN C 310 15.83 9.56 -19.44
N CYS C 311 16.41 10.67 -18.99
CA CYS C 311 16.40 11.91 -19.76
C CYS C 311 17.64 11.96 -20.66
N ASN C 312 17.59 11.15 -21.72
CA ASN C 312 18.73 11.05 -22.63
C ASN C 312 18.94 12.35 -23.38
N VAL C 313 20.19 12.58 -23.77
CA VAL C 313 20.59 13.74 -24.56
C VAL C 313 21.35 13.24 -25.78
N TRP C 314 21.02 13.78 -26.95
CA TRP C 314 21.63 13.38 -28.20
C TRP C 314 22.36 14.55 -28.83
N ASP C 315 23.34 14.24 -29.69
CA ASP C 315 24.06 15.26 -30.43
C ASP C 315 23.29 15.61 -31.70
N ALA C 316 23.05 16.91 -31.90
CA ALA C 316 22.21 17.34 -33.01
C ALA C 316 22.77 16.91 -34.36
N LEU C 317 24.09 16.88 -34.50
CA LEU C 317 24.74 16.60 -35.77
C LEU C 317 25.46 15.25 -35.82
N LYS C 318 26.15 14.87 -34.74
CA LYS C 318 26.85 13.60 -34.74
C LYS C 318 25.88 12.42 -34.66
N ALA C 319 24.63 12.65 -34.27
CA ALA C 319 23.64 11.58 -34.16
C ALA C 319 24.15 10.45 -33.28
N ASP C 320 24.76 10.81 -32.15
CA ASP C 320 25.31 9.85 -31.21
C ASP C 320 24.86 10.22 -29.81
N ARG C 321 24.84 9.21 -28.93
CA ARG C 321 24.40 9.38 -27.55
C ARG C 321 25.45 10.20 -26.80
N ALA C 322 25.18 11.48 -26.60
CA ALA C 322 26.10 12.37 -25.91
C ALA C 322 25.95 12.36 -24.40
N GLY C 323 24.91 11.71 -23.87
CA GLY C 323 24.72 11.67 -22.44
C GLY C 323 23.61 10.72 -22.06
N VAL C 324 23.65 10.28 -20.81
CA VAL C 324 22.64 9.38 -20.26
C VAL C 324 22.12 9.93 -18.94
N LEU C 325 22.21 11.26 -18.78
CA LEU C 325 21.78 11.89 -17.53
C LEU C 325 20.35 11.52 -17.22
N ALA C 326 20.11 11.14 -15.97
CA ALA C 326 18.80 10.65 -15.54
C ALA C 326 18.74 10.77 -14.02
N GLY C 327 17.75 10.10 -13.41
CA GLY C 327 17.62 10.10 -11.97
C GLY C 327 16.18 10.05 -11.48
N HIS C 328 15.22 10.23 -12.39
CA HIS C 328 13.82 10.16 -12.01
C HIS C 328 13.40 8.72 -11.77
N ASP C 329 12.24 8.57 -11.13
CA ASP C 329 11.64 7.27 -10.84
C ASP C 329 10.39 6.99 -11.66
N ASN C 330 9.50 7.97 -11.77
CA ASN C 330 8.28 7.81 -12.56
C ASN C 330 8.52 8.29 -13.99
N ARG C 331 7.49 8.16 -14.83
CA ARG C 331 7.64 8.51 -16.23
C ARG C 331 7.91 10.00 -16.38
N VAL C 332 8.80 10.34 -17.31
CA VAL C 332 9.17 11.72 -17.59
C VAL C 332 8.29 12.24 -18.71
N SER C 333 7.58 13.33 -18.45
CA SER C 333 6.63 13.89 -19.41
C SER C 333 7.06 15.24 -19.95
N CYS C 334 7.40 16.19 -19.08
CA CYS C 334 7.73 17.53 -19.52
C CYS C 334 9.21 17.65 -19.83
N LEU C 335 9.56 18.69 -20.57
CA LEU C 335 10.93 19.03 -20.91
C LEU C 335 10.95 20.46 -21.40
N GLY C 336 12.14 20.99 -21.62
CA GLY C 336 12.29 22.33 -22.16
C GLY C 336 13.60 22.93 -21.71
N VAL C 337 13.76 24.21 -22.06
CA VAL C 337 14.95 24.98 -21.71
C VAL C 337 14.52 26.37 -21.30
N THR C 338 15.30 26.99 -20.41
CA THR C 338 15.01 28.34 -19.95
C THR C 338 15.12 29.35 -21.08
N ASP C 339 14.82 30.61 -20.80
CA ASP C 339 14.88 31.63 -21.84
C ASP C 339 16.29 31.76 -22.42
N ASP C 340 17.31 31.77 -21.56
CA ASP C 340 18.70 31.90 -22.00
C ASP C 340 19.58 31.03 -21.11
N GLY C 341 19.78 29.78 -21.53
CA GLY C 341 20.75 28.89 -20.91
C GLY C 341 20.86 28.97 -19.40
N MET C 342 19.75 28.78 -18.69
CA MET C 342 19.76 28.84 -17.24
C MET C 342 19.35 27.54 -16.56
N ALA C 343 18.60 26.67 -17.24
CA ALA C 343 18.19 25.40 -16.64
C ALA C 343 17.54 24.55 -17.71
N VAL C 344 17.36 23.27 -17.38
CA VAL C 344 16.78 22.28 -18.28
C VAL C 344 15.62 21.59 -17.58
N ALA C 345 14.91 22.33 -16.74
CA ALA C 345 13.89 21.78 -15.85
C ALA C 345 13.10 20.65 -16.51
N THR C 346 13.00 19.52 -15.81
CA THR C 346 12.29 18.35 -16.28
C THR C 346 11.26 17.95 -15.24
N GLY C 347 10.03 17.70 -15.68
CA GLY C 347 8.94 17.30 -14.81
C GLY C 347 8.52 15.87 -15.08
N SER C 348 8.29 15.13 -14.00
CA SER C 348 7.93 13.72 -14.08
C SER C 348 6.58 13.50 -13.40
N TRP C 349 6.21 12.23 -13.24
CA TRP C 349 4.94 11.85 -12.64
C TRP C 349 5.01 11.69 -11.13
N ASP C 350 6.17 11.96 -10.51
CA ASP C 350 6.36 11.75 -9.09
C ASP C 350 6.15 13.03 -8.27
N SER C 351 5.41 13.99 -8.82
CA SER C 351 5.14 15.26 -8.16
C SER C 351 6.41 16.04 -7.85
N PHE C 352 7.53 15.69 -8.48
CA PHE C 352 8.80 16.34 -8.27
C PHE C 352 9.23 17.05 -9.54
N LEU C 353 9.54 18.34 -9.44
CA LEU C 353 10.15 19.09 -10.52
C LEU C 353 11.65 19.19 -10.25
N LYS C 354 12.44 18.59 -11.13
CA LYS C 354 13.88 18.45 -10.93
C LYS C 354 14.59 19.50 -11.80
N ILE C 355 14.90 20.64 -11.20
CA ILE C 355 15.64 21.69 -11.90
C ILE C 355 17.08 21.23 -12.06
N TRP C 356 17.51 21.02 -13.30
CA TRP C 356 18.83 20.49 -13.59
C TRP C 356 19.67 21.54 -14.32
N ASN C 357 20.95 21.57 -13.98
CA ASN C 357 21.89 22.51 -14.59
C ASN C 357 23.24 21.85 -14.82
N ASN D 5 -22.38 13.17 -51.47
CA ASN D 5 -21.54 13.51 -52.62
C ASN D 5 -20.93 14.90 -52.45
N THR D 6 -21.72 15.83 -51.92
CA THR D 6 -21.24 17.20 -51.74
C THR D 6 -20.04 17.24 -50.81
N ALA D 7 -20.11 16.53 -49.69
CA ALA D 7 -18.97 16.47 -48.78
C ALA D 7 -17.79 15.76 -49.43
N SER D 8 -18.05 14.65 -50.13
CA SER D 8 -16.97 13.92 -50.78
C SER D 8 -16.29 14.76 -51.85
N ILE D 9 -17.07 15.41 -52.71
CA ILE D 9 -16.48 16.22 -53.76
C ILE D 9 -15.77 17.43 -53.16
N ALA D 10 -16.32 17.99 -52.08
CA ALA D 10 -15.66 19.11 -51.42
C ALA D 10 -14.29 18.71 -50.89
N GLN D 11 -14.22 17.60 -50.16
CA GLN D 11 -12.94 17.15 -49.63
C GLN D 11 -11.97 16.80 -50.76
N ALA D 12 -12.48 16.18 -51.83
CA ALA D 12 -11.62 15.83 -52.95
C ALA D 12 -11.02 17.07 -53.58
N ARG D 13 -11.84 18.08 -53.87
CA ARG D 13 -11.32 19.30 -54.47
C ARG D 13 -10.35 20.00 -53.53
N LYS D 14 -10.65 20.03 -52.23
CA LYS D 14 -9.74 20.65 -51.28
C LYS D 14 -8.39 19.96 -51.30
N LEU D 15 -8.39 18.63 -51.32
CA LEU D 15 -7.14 17.90 -51.47
C LEU D 15 -6.44 18.29 -52.76
N VAL D 16 -7.21 18.53 -53.83
CA VAL D 16 -6.61 18.91 -55.11
C VAL D 16 -5.86 20.23 -54.96
N GLU D 17 -6.52 21.25 -54.39
CA GLU D 17 -5.83 22.53 -54.26
C GLU D 17 -4.62 22.41 -53.33
N GLN D 18 -4.78 21.70 -52.22
CA GLN D 18 -3.66 21.55 -51.30
C GLN D 18 -2.46 20.90 -51.99
N LEU D 19 -2.71 19.83 -52.73
CA LEU D 19 -1.63 19.12 -53.40
C LEU D 19 -0.97 20.00 -54.46
N LYS D 20 -1.77 20.71 -55.26
CA LYS D 20 -1.17 21.51 -56.32
C LYS D 20 -0.38 22.68 -55.74
N MET D 21 -0.88 23.29 -54.66
CA MET D 21 -0.14 24.39 -54.04
C MET D 21 1.16 23.89 -53.43
N GLU D 22 1.15 22.76 -52.72
CA GLU D 22 2.37 22.28 -52.10
C GLU D 22 3.31 21.61 -53.10
N ALA D 23 2.85 21.32 -54.32
CA ALA D 23 3.73 20.77 -55.33
C ALA D 23 4.70 21.84 -55.86
N ASN D 24 4.19 23.03 -56.15
CA ASN D 24 5.00 24.10 -56.73
C ASN D 24 5.61 24.96 -55.61
N ILE D 25 6.51 24.32 -54.87
CA ILE D 25 7.22 24.97 -53.76
C ILE D 25 8.71 24.83 -54.01
N ASP D 26 9.44 25.93 -53.90
CA ASP D 26 10.89 25.89 -54.08
C ASP D 26 11.53 24.95 -53.07
N ARG D 27 12.49 24.16 -53.54
CA ARG D 27 13.17 23.18 -52.71
C ARG D 27 14.65 23.54 -52.65
N ILE D 28 15.04 24.28 -51.61
CA ILE D 28 16.43 24.68 -51.45
C ILE D 28 17.29 23.45 -51.16
N LYS D 29 18.48 23.43 -51.76
CA LYS D 29 19.38 22.29 -51.60
C LYS D 29 19.83 22.15 -50.15
N VAL D 30 20.04 20.90 -49.73
CA VAL D 30 20.40 20.64 -48.33
C VAL D 30 21.77 21.20 -48.00
N SER D 31 22.63 21.37 -49.00
CA SER D 31 24.01 21.76 -48.72
C SER D 31 24.09 23.11 -48.02
N LYS D 32 23.46 24.14 -48.60
CA LYS D 32 23.56 25.46 -47.99
C LYS D 32 22.68 25.58 -46.76
N ALA D 33 21.65 24.75 -46.64
CA ALA D 33 20.89 24.69 -45.39
C ALA D 33 21.79 24.21 -44.25
N ALA D 34 22.55 23.14 -44.50
CA ALA D 34 23.51 22.66 -43.50
C ALA D 34 24.59 23.70 -43.24
N ALA D 35 25.01 24.42 -44.29
CA ALA D 35 26.00 25.48 -44.10
C ALA D 35 25.45 26.57 -43.18
N ASP D 36 24.19 26.97 -43.38
CA ASP D 36 23.59 27.97 -42.50
C ASP D 36 23.46 27.46 -41.08
N LEU D 37 23.09 26.19 -40.92
CA LEU D 37 23.01 25.62 -39.57
C LEU D 37 24.37 25.65 -38.89
N MET D 38 25.43 25.27 -39.61
CA MET D 38 26.77 25.34 -39.04
C MET D 38 27.15 26.76 -38.68
N ALA D 39 26.81 27.71 -39.56
CA ALA D 39 27.14 29.11 -39.28
C ALA D 39 26.45 29.58 -38.01
N TYR D 40 25.17 29.27 -37.85
CA TYR D 40 24.45 29.65 -36.65
C TYR D 40 25.07 29.00 -35.42
N CYS D 41 25.40 27.70 -35.52
CA CYS D 41 25.99 27.02 -34.38
C CYS D 41 27.29 27.68 -33.95
N GLU D 42 28.19 27.94 -34.91
CA GLU D 42 29.46 28.57 -34.57
C GLU D 42 29.26 29.98 -34.03
N ALA D 43 28.34 30.75 -34.63
CA ALA D 43 28.08 32.10 -34.14
C ALA D 43 27.46 32.09 -32.75
N HIS D 44 26.85 30.98 -32.33
CA HIS D 44 26.24 30.88 -31.02
C HIS D 44 26.74 29.65 -30.27
N ALA D 45 27.96 29.20 -30.57
CA ALA D 45 28.56 28.08 -29.85
C ALA D 45 29.18 28.51 -28.53
N LYS D 46 29.37 29.81 -28.30
CA LYS D 46 29.99 30.29 -27.06
C LYS D 46 28.96 30.54 -25.96
N GLU D 47 27.78 31.06 -26.31
CA GLU D 47 26.74 31.34 -25.32
C GLU D 47 25.92 30.07 -25.09
N ASP D 48 26.61 29.04 -24.61
CA ASP D 48 26.03 27.73 -24.37
C ASP D 48 26.45 27.24 -22.98
N PRO D 49 25.88 27.83 -21.93
CA PRO D 49 26.22 27.36 -20.58
C PRO D 49 25.95 25.88 -20.39
N LEU D 50 24.97 25.32 -21.09
CA LEU D 50 24.71 23.89 -21.02
C LEU D 50 25.86 23.07 -21.58
N LEU D 51 26.70 23.66 -22.42
CA LEU D 51 27.87 22.98 -22.98
C LEU D 51 29.18 23.53 -22.46
N THR D 52 29.22 24.78 -22.03
CA THR D 52 30.41 25.40 -21.44
C THR D 52 30.09 25.82 -20.02
N PRO D 53 30.42 25.03 -19.00
CA PRO D 53 30.03 25.38 -17.64
C PRO D 53 30.71 26.66 -17.17
N VAL D 54 30.05 27.34 -16.24
CA VAL D 54 30.53 28.61 -15.70
C VAL D 54 30.64 28.49 -14.19
N PRO D 55 31.49 29.31 -13.57
CA PRO D 55 31.67 29.21 -12.11
C PRO D 55 30.46 29.70 -11.33
N ALA D 56 30.52 29.62 -10.01
CA ALA D 56 29.41 30.04 -9.16
C ALA D 56 29.25 31.55 -9.11
N SER D 57 30.20 32.31 -9.65
CA SER D 57 30.10 33.77 -9.57
C SER D 57 28.88 34.29 -10.30
N GLU D 58 28.59 33.77 -11.49
CA GLU D 58 27.42 34.16 -12.27
C GLU D 58 26.44 33.00 -12.43
N ASN D 59 26.41 32.10 -11.45
CA ASN D 59 25.51 30.94 -11.45
C ASN D 59 24.64 31.02 -10.20
N PRO D 60 23.48 31.67 -10.26
CA PRO D 60 22.63 31.76 -9.06
C PRO D 60 22.16 30.41 -8.55
N PHE D 61 22.17 29.37 -9.40
CA PHE D 61 21.78 28.03 -8.99
C PHE D 61 22.89 27.42 -8.14
N ARG D 62 22.78 27.64 -6.83
CA ARG D 62 23.74 27.08 -5.88
C ARG D 62 23.01 26.46 -4.69
N PRO E 160 -7.39 -38.32 63.29
CA PRO E 160 -7.46 -37.52 64.52
C PRO E 160 -6.14 -36.82 64.83
N LEU E 161 -5.02 -37.48 64.51
CA LEU E 161 -3.72 -36.89 64.78
C LEU E 161 -3.54 -35.52 64.13
N PRO E 162 -3.96 -35.31 62.87
CA PRO E 162 -3.70 -33.99 62.24
C PRO E 162 -4.25 -32.82 63.03
N SER E 163 -5.39 -32.98 63.72
CA SER E 163 -5.97 -31.91 64.51
C SER E 163 -6.13 -30.65 63.66
N PRO E 164 -7.10 -30.62 62.74
CA PRO E 164 -7.20 -29.50 61.79
C PRO E 164 -7.21 -28.13 62.44
N LYS E 165 -6.96 -27.10 61.63
CA LYS E 165 -6.92 -25.71 62.06
C LYS E 165 -8.01 -24.93 61.32
N ALA E 166 -8.03 -23.61 61.51
CA ALA E 166 -9.09 -22.78 60.98
C ALA E 166 -9.05 -22.71 59.45
N TRP E 167 -7.85 -22.57 58.88
CA TRP E 167 -7.75 -22.32 57.44
C TRP E 167 -8.34 -23.47 56.64
N ASP E 168 -8.07 -24.71 57.03
CA ASP E 168 -8.63 -25.85 56.34
C ASP E 168 -10.15 -25.86 56.44
N VAL E 169 -10.68 -25.46 57.60
CA VAL E 169 -12.14 -25.38 57.76
C VAL E 169 -12.71 -24.35 56.81
N VAL E 170 -12.06 -23.19 56.69
CA VAL E 170 -12.54 -22.16 55.77
C VAL E 170 -12.52 -22.68 54.34
N LEU E 171 -11.45 -23.39 53.96
CA LEU E 171 -11.36 -23.95 52.63
C LEU E 171 -12.49 -24.93 52.37
N CYS E 172 -12.78 -25.79 53.35
CA CYS E 172 -13.88 -26.75 53.20
C CYS E 172 -15.21 -26.04 53.05
N ILE E 173 -15.44 -24.99 53.85
CA ILE E 173 -16.70 -24.25 53.75
C ILE E 173 -16.85 -23.64 52.36
N SER E 174 -15.77 -23.01 51.87
CA SER E 174 -15.84 -22.41 50.54
C SER E 174 -16.14 -23.47 49.49
N GLY E 175 -15.47 -24.62 49.58
CA GLY E 175 -15.73 -25.69 48.63
C GLY E 175 -17.17 -26.17 48.68
N THR E 176 -17.72 -26.29 49.89
CA THR E 176 -19.09 -26.79 50.03
C THR E 176 -20.10 -25.80 49.44
N LEU E 177 -19.92 -24.51 49.71
CA LEU E 177 -20.81 -23.52 49.11
C LEU E 177 -20.68 -23.53 47.58
N VAL E 178 -19.45 -23.63 47.07
CA VAL E 178 -19.27 -23.70 45.63
C VAL E 178 -20.02 -24.90 45.06
N SER E 179 -19.90 -26.06 45.71
CA SER E 179 -20.54 -27.26 45.22
C SER E 179 -22.06 -27.11 45.22
N CYS E 180 -22.63 -26.54 46.29
CA CYS E 180 -24.08 -26.39 46.37
C CYS E 180 -24.59 -25.46 45.28
N GLU E 181 -23.95 -24.29 45.13
CA GLU E 181 -24.37 -23.35 44.09
C GLU E 181 -24.24 -23.98 42.71
N ASN E 182 -23.15 -24.71 42.48
CA ASN E 182 -22.92 -25.33 41.19
C ASN E 182 -23.98 -26.37 40.89
N ALA E 183 -24.35 -27.16 41.89
CA ALA E 183 -25.38 -28.18 41.69
C ALA E 183 -26.71 -27.53 41.37
N LEU E 184 -27.08 -26.48 42.10
CA LEU E 184 -28.38 -25.86 41.83
C LEU E 184 -28.38 -25.13 40.50
N VAL E 185 -27.21 -24.73 39.99
CA VAL E 185 -27.17 -24.10 38.68
C VAL E 185 -27.17 -25.13 37.55
N VAL E 186 -26.53 -26.28 37.75
CA VAL E 186 -26.49 -27.28 36.68
C VAL E 186 -27.81 -28.05 36.62
N ALA E 187 -28.51 -28.18 37.74
CA ALA E 187 -29.81 -28.85 37.72
C ALA E 187 -30.78 -28.12 36.80
N ILE E 188 -30.81 -26.79 36.87
CA ILE E 188 -31.72 -26.02 36.02
C ILE E 188 -31.39 -26.25 34.55
N ILE E 189 -30.10 -26.20 34.21
CA ILE E 189 -29.70 -26.36 32.81
C ILE E 189 -30.08 -27.75 32.31
N VAL E 190 -29.79 -28.78 33.12
CA VAL E 190 -30.01 -30.15 32.65
C VAL E 190 -31.48 -30.56 32.70
N GLY E 191 -32.31 -29.84 33.47
CA GLY E 191 -33.71 -30.21 33.56
C GLY E 191 -34.42 -30.15 32.23
N THR E 192 -34.23 -29.06 31.50
CA THR E 192 -34.86 -28.91 30.19
C THR E 192 -34.04 -29.65 29.15
N PRO E 193 -34.63 -30.60 28.41
CA PRO E 193 -33.85 -31.34 27.41
C PRO E 193 -33.72 -30.64 26.06
N ALA E 194 -34.31 -29.46 25.91
CA ALA E 194 -34.28 -28.73 24.65
C ALA E 194 -33.12 -27.74 24.56
N PHE E 195 -32.28 -27.65 25.59
CA PHE E 195 -31.16 -26.71 25.59
C PHE E 195 -30.02 -27.32 24.80
N ARG E 196 -29.79 -26.81 23.59
CA ARG E 196 -28.65 -27.23 22.78
C ARG E 196 -27.99 -26.06 22.05
N ALA E 197 -28.31 -24.82 22.41
CA ALA E 197 -27.65 -23.67 21.82
C ALA E 197 -26.18 -23.64 22.23
N PRO E 198 -25.33 -22.98 21.45
CA PRO E 198 -23.89 -22.99 21.79
C PRO E 198 -23.61 -22.52 23.21
N MET E 199 -24.29 -21.46 23.66
CA MET E 199 -24.13 -21.02 25.04
C MET E 199 -24.61 -22.08 26.01
N PHE E 200 -25.74 -22.72 25.70
CA PHE E 200 -26.33 -23.69 26.60
C PHE E 200 -25.37 -24.85 26.85
N LEU E 201 -24.78 -25.39 25.79
CA LEU E 201 -23.81 -26.48 25.93
C LEU E 201 -22.50 -25.99 26.52
N LEU E 202 -22.10 -24.75 26.20
CA LEU E 202 -20.81 -24.25 26.65
C LEU E 202 -20.78 -24.06 28.16
N VAL E 203 -21.80 -23.39 28.72
CA VAL E 203 -21.82 -23.12 30.15
C VAL E 203 -21.86 -24.41 30.96
N GLY E 204 -22.35 -25.50 30.38
CA GLY E 204 -22.41 -26.75 31.11
C GLY E 204 -21.03 -27.24 31.54
N SER E 205 -20.04 -27.13 30.65
CA SER E 205 -18.69 -27.57 30.99
C SER E 205 -18.12 -26.75 32.14
N LEU E 206 -18.29 -25.42 32.09
CA LEU E 206 -17.80 -24.58 33.18
C LEU E 206 -18.46 -24.95 34.49
N ALA E 207 -19.79 -25.11 34.48
CA ALA E 207 -20.49 -25.46 35.71
C ALA E 207 -20.02 -26.80 36.26
N VAL E 208 -19.88 -27.80 35.39
CA VAL E 208 -19.48 -29.13 35.84
C VAL E 208 -18.06 -29.10 36.41
N ALA E 209 -17.15 -28.41 35.73
CA ALA E 209 -15.77 -28.35 36.21
C ALA E 209 -15.70 -27.64 37.55
N ASP E 210 -16.41 -26.53 37.71
CA ASP E 210 -16.37 -25.79 38.96
C ASP E 210 -16.98 -26.63 40.09
N LEU E 211 -18.06 -27.37 39.78
CA LEU E 211 -18.64 -28.29 40.75
C LEU E 211 -17.63 -29.35 41.17
N LEU E 212 -16.90 -29.91 40.20
CA LEU E 212 -15.91 -30.92 40.52
C LEU E 212 -14.82 -30.34 41.41
N ALA E 213 -14.40 -29.11 41.12
CA ALA E 213 -13.41 -28.45 41.98
C ALA E 213 -13.91 -28.38 43.42
N GLY E 214 -15.13 -27.86 43.62
CA GLY E 214 -15.65 -27.73 44.96
C GLY E 214 -15.79 -29.06 45.67
N LEU E 215 -16.34 -30.05 44.98
CA LEU E 215 -16.54 -31.37 45.58
C LEU E 215 -15.21 -31.99 45.97
N GLY E 216 -14.21 -31.89 45.08
CA GLY E 216 -12.91 -32.45 45.39
C GLY E 216 -12.27 -31.76 46.59
N LEU E 217 -12.38 -30.44 46.67
CA LEU E 217 -11.84 -29.73 47.82
C LEU E 217 -12.47 -30.23 49.11
N VAL E 218 -13.81 -30.27 49.16
CA VAL E 218 -14.49 -30.67 50.38
C VAL E 218 -14.13 -32.11 50.75
N LEU E 219 -14.16 -33.01 49.77
CA LEU E 219 -13.87 -34.41 50.03
C LEU E 219 -12.43 -34.62 50.49
N HIS E 220 -11.47 -33.92 49.89
CA HIS E 220 -10.08 -34.03 50.33
C HIS E 220 -9.93 -33.54 51.77
N PHE E 221 -10.54 -32.39 52.10
CA PHE E 221 -10.44 -31.91 53.47
C PHE E 221 -11.03 -32.91 54.46
N ALA E 222 -12.20 -33.46 54.13
CA ALA E 222 -12.84 -34.40 55.04
C ALA E 222 -12.02 -35.68 55.17
N ALA E 223 -11.47 -36.19 54.07
CA ALA E 223 -10.79 -37.48 54.10
C ALA E 223 -9.44 -37.38 54.80
N VAL E 224 -8.66 -36.35 54.49
CA VAL E 224 -7.31 -36.26 55.07
C VAL E 224 -7.39 -36.10 56.58
N PHE E 225 -8.47 -35.54 57.09
CA PHE E 225 -8.64 -35.25 58.51
C PHE E 225 -9.57 -36.23 59.21
N CYS E 226 -9.94 -37.33 58.56
CA CYS E 226 -10.80 -38.33 59.18
C CYS E 226 -10.25 -39.74 59.00
N ILE E 227 -9.40 -39.93 57.98
CA ILE E 227 -8.82 -41.22 57.68
C ILE E 227 -7.47 -41.00 57.01
N GLY E 228 -6.63 -42.04 57.03
CA GLY E 228 -5.30 -41.95 56.45
C GLY E 228 -5.32 -41.92 54.94
N SER E 229 -5.80 -40.80 54.40
CA SER E 229 -6.05 -40.66 52.96
C SER E 229 -4.79 -40.19 52.23
N ALA E 230 -3.67 -40.90 52.45
CA ALA E 230 -2.44 -40.53 51.78
C ALA E 230 -2.58 -40.63 50.26
N GLU E 231 -2.76 -41.86 49.76
CA GLU E 231 -2.95 -42.04 48.32
C GLU E 231 -4.25 -41.37 47.87
N MET E 232 -5.29 -41.46 48.70
CA MET E 232 -6.54 -40.78 48.35
C MET E 232 -6.34 -39.27 48.30
N SER E 233 -5.54 -38.72 49.22
CA SER E 233 -5.24 -37.28 49.15
C SER E 233 -4.49 -36.95 47.87
N LEU E 234 -3.54 -37.81 47.47
CA LEU E 234 -2.84 -37.58 46.21
C LEU E 234 -3.80 -37.52 45.04
N VAL E 235 -4.68 -38.53 44.95
CA VAL E 235 -5.63 -38.58 43.83
C VAL E 235 -6.57 -37.38 43.88
N LEU E 236 -6.96 -36.96 45.09
CA LEU E 236 -7.89 -35.85 45.22
C LEU E 236 -7.24 -34.52 44.84
N VAL E 237 -5.95 -34.37 45.15
CA VAL E 237 -5.23 -33.18 44.68
C VAL E 237 -5.12 -33.21 43.16
N GLY E 238 -4.91 -34.40 42.59
CA GLY E 238 -4.92 -34.49 41.14
C GLY E 238 -6.25 -34.06 40.54
N VAL E 239 -7.36 -34.50 41.14
CA VAL E 239 -8.68 -34.10 40.65
C VAL E 239 -8.90 -32.61 40.87
N LEU E 240 -8.39 -32.04 41.97
CA LEU E 240 -8.50 -30.61 42.18
C LEU E 240 -7.76 -29.83 41.10
N ALA E 241 -6.57 -30.28 40.73
CA ALA E 241 -5.88 -29.67 39.61
C ALA E 241 -6.68 -29.80 38.32
N MET E 242 -7.27 -30.98 38.10
CA MET E 242 -8.13 -31.19 36.94
C MET E 242 -9.21 -30.12 36.87
N ALA E 243 -9.94 -29.95 37.98
CA ALA E 243 -11.09 -29.06 37.99
C ALA E 243 -10.67 -27.59 37.91
N PHE E 244 -9.55 -27.23 38.55
CA PHE E 244 -9.08 -25.86 38.48
C PHE E 244 -8.54 -25.49 37.10
N THR E 245 -7.98 -26.46 36.37
CA THR E 245 -7.58 -26.20 34.99
C THR E 245 -8.79 -26.11 34.07
N ALA E 246 -9.79 -26.96 34.30
CA ALA E 246 -10.99 -26.92 33.46
C ALA E 246 -11.71 -25.59 33.56
N SER E 247 -11.81 -25.04 34.78
CA SER E 247 -12.53 -23.79 34.98
C SER E 247 -11.84 -22.59 34.34
N ILE E 248 -10.56 -22.70 34.00
CA ILE E 248 -9.82 -21.63 33.34
C ILE E 248 -9.76 -21.84 31.84
N GLY E 249 -9.59 -23.09 31.40
CA GLY E 249 -9.51 -23.37 29.98
C GLY E 249 -10.83 -23.24 29.24
N SER E 250 -11.95 -23.14 29.97
CA SER E 250 -13.26 -23.08 29.35
C SER E 250 -13.77 -21.65 29.16
N LEU E 251 -13.38 -20.72 30.04
CA LEU E 251 -13.84 -19.34 29.89
C LEU E 251 -13.33 -18.74 28.59
N LEU E 252 -12.10 -19.06 28.20
CA LEU E 252 -11.58 -18.60 26.92
C LEU E 252 -12.45 -19.09 25.77
N ALA E 253 -12.92 -20.35 25.85
CA ALA E 253 -13.73 -20.90 24.77
C ALA E 253 -15.01 -20.10 24.60
N ILE E 254 -15.68 -19.77 25.71
CA ILE E 254 -16.94 -19.03 25.61
C ILE E 254 -16.69 -17.60 25.17
N THR E 255 -15.59 -16.98 25.62
CA THR E 255 -15.28 -15.65 25.14
C THR E 255 -15.06 -15.65 23.63
N VAL E 256 -14.34 -16.66 23.13
CA VAL E 256 -14.12 -16.78 21.69
C VAL E 256 -15.44 -16.98 20.97
N ASP E 257 -16.31 -17.83 21.51
CA ASP E 257 -17.61 -18.07 20.88
C ASP E 257 -18.43 -16.78 20.81
N ARG E 258 -18.44 -16.02 21.91
CA ARG E 258 -19.18 -14.75 21.91
C ARG E 258 -18.62 -13.79 20.89
N TYR E 259 -17.28 -13.71 20.80
CA TYR E 259 -16.68 -12.80 19.83
C TYR E 259 -17.05 -13.20 18.41
N LEU E 260 -16.97 -14.49 18.09
CA LEU E 260 -17.31 -14.93 16.74
C LEU E 260 -18.79 -14.68 16.44
N SER E 261 -19.67 -14.93 17.42
CA SER E 261 -21.08 -14.66 17.19
C SER E 261 -21.38 -13.18 17.04
N LEU E 262 -20.59 -12.32 17.68
CA LEU E 262 -20.81 -10.88 17.59
C LEU E 262 -20.20 -10.28 16.32
N TYR E 263 -19.15 -10.88 15.78
CA TYR E 263 -18.54 -10.38 14.54
C TYR E 263 -19.25 -10.92 13.31
N ASN E 264 -19.48 -12.23 13.25
CA ASN E 264 -20.26 -12.84 12.18
C ASN E 264 -21.74 -12.66 12.53
N ALA E 265 -22.23 -11.44 12.31
CA ALA E 265 -23.58 -11.09 12.75
C ALA E 265 -24.62 -12.00 12.11
N LEU E 266 -24.52 -12.21 10.79
CA LEU E 266 -25.51 -12.97 10.06
C LEU E 266 -24.95 -14.24 9.41
N THR E 267 -23.68 -14.57 9.66
CA THR E 267 -23.08 -15.76 9.06
C THR E 267 -22.66 -16.80 10.09
N TYR E 268 -22.64 -16.46 11.38
CA TYR E 268 -22.24 -17.44 12.39
C TYR E 268 -23.20 -18.62 12.43
N TYR E 269 -24.50 -18.35 12.36
CA TYR E 269 -25.50 -19.40 12.50
C TYR E 269 -25.42 -20.34 11.31
N SER E 270 -24.89 -21.52 11.54
CA SER E 270 -24.73 -22.55 10.50
C SER E 270 -24.42 -23.86 11.20
N GLU E 271 -24.13 -24.90 10.41
CA GLU E 271 -23.80 -26.20 10.99
C GLU E 271 -22.41 -26.21 11.60
N THR E 272 -21.49 -25.39 11.09
CA THR E 272 -20.12 -25.40 11.59
C THR E 272 -20.02 -24.93 13.03
N THR E 273 -21.04 -24.24 13.53
CA THR E 273 -21.00 -23.79 14.92
C THR E 273 -20.98 -24.97 15.88
N VAL E 274 -21.76 -26.01 15.60
CA VAL E 274 -21.80 -27.18 16.46
C VAL E 274 -20.43 -27.86 16.49
N THR E 275 -19.81 -28.04 15.33
CA THR E 275 -18.49 -28.64 15.28
C THR E 275 -17.46 -27.77 16.01
N ARG E 276 -17.58 -26.45 15.85
CA ARG E 276 -16.65 -25.54 16.52
C ARG E 276 -16.76 -25.68 18.04
N THR E 277 -17.99 -25.69 18.56
CA THR E 277 -18.17 -25.88 20.00
C THR E 277 -17.65 -27.24 20.45
N TYR E 278 -17.93 -28.29 19.68
CA TYR E 278 -17.46 -29.62 20.07
C TYR E 278 -15.94 -29.69 20.12
N VAL E 279 -15.27 -29.11 19.13
CA VAL E 279 -13.81 -29.16 19.11
C VAL E 279 -13.24 -28.30 20.24
N MET E 280 -13.88 -27.17 20.54
CA MET E 280 -13.44 -26.37 21.68
C MET E 280 -13.55 -27.15 22.97
N LEU E 281 -14.67 -27.84 23.18
CA LEU E 281 -14.84 -28.65 24.38
C LEU E 281 -13.79 -29.75 24.43
N ALA E 282 -13.54 -30.42 23.31
CA ALA E 282 -12.55 -31.49 23.27
C ALA E 282 -11.17 -30.95 23.64
N LEU E 283 -10.78 -29.81 23.08
CA LEU E 283 -9.48 -29.23 23.39
C LEU E 283 -9.39 -28.86 24.86
N VAL E 284 -10.44 -28.24 25.40
CA VAL E 284 -10.40 -27.84 26.81
C VAL E 284 -10.22 -29.06 27.70
N TRP E 285 -11.01 -30.10 27.48
CA TRP E 285 -10.94 -31.27 28.35
C TRP E 285 -9.63 -32.02 28.15
N GLY E 286 -9.12 -32.06 26.91
CA GLY E 286 -7.83 -32.70 26.68
C GLY E 286 -6.69 -31.99 27.36
N GLY E 287 -6.68 -30.65 27.30
CA GLY E 287 -5.67 -29.90 28.02
C GLY E 287 -5.78 -30.10 29.52
N ALA E 288 -7.01 -30.11 30.05
CA ALA E 288 -7.19 -30.36 31.48
C ALA E 288 -6.66 -31.74 31.85
N LEU E 289 -6.93 -32.75 31.03
CA LEU E 289 -6.43 -34.09 31.30
C LEU E 289 -4.90 -34.12 31.27
N GLY E 290 -4.30 -33.46 30.27
CA GLY E 290 -2.86 -33.45 30.16
C GLY E 290 -2.19 -32.78 31.34
N LEU E 291 -2.75 -31.65 31.78
CA LEU E 291 -2.14 -30.92 32.89
C LEU E 291 -2.39 -31.62 34.23
N GLY E 292 -3.58 -32.17 34.42
CA GLY E 292 -3.93 -32.80 35.68
C GLY E 292 -3.46 -34.22 35.87
N LEU E 293 -2.85 -34.82 34.85
CA LEU E 293 -2.34 -36.18 34.95
C LEU E 293 -0.96 -36.25 35.59
N LEU E 294 -0.18 -35.17 35.54
CA LEU E 294 1.19 -35.16 36.03
C LEU E 294 1.29 -35.50 37.51
N PRO E 295 0.42 -34.95 38.37
CA PRO E 295 0.53 -35.26 39.81
C PRO E 295 0.45 -36.74 40.12
N VAL E 296 -0.11 -37.55 39.23
CA VAL E 296 -0.16 -38.99 39.40
C VAL E 296 0.67 -39.63 38.31
N LEU E 297 1.75 -38.95 37.92
CA LEU E 297 2.56 -39.35 36.78
C LEU E 297 4.03 -39.21 37.17
N ALA E 298 4.92 -39.21 36.18
CA ALA E 298 6.35 -39.25 36.43
C ALA E 298 6.79 -38.19 37.44
N TRP E 299 6.30 -36.96 37.28
CA TRP E 299 6.64 -35.87 38.19
C TRP E 299 5.84 -36.01 39.47
N ASN E 300 6.54 -36.01 40.61
CA ASN E 300 5.91 -36.16 41.91
C ASN E 300 6.90 -35.78 43.00
N CYS E 301 6.43 -35.05 43.99
CA CYS E 301 7.31 -34.65 45.10
C CYS E 301 7.63 -35.82 46.01
N LEU E 302 6.71 -36.78 46.13
CA LEU E 302 6.90 -37.89 47.05
C LEU E 302 7.75 -38.99 46.42
N ASP E 303 8.93 -38.62 45.91
CA ASP E 303 9.87 -39.58 45.35
C ASP E 303 11.30 -39.39 45.82
N GLY E 304 11.68 -38.19 46.28
CA GLY E 304 13.02 -37.95 46.73
C GLY E 304 13.88 -37.20 45.74
N LEU E 305 14.44 -36.07 46.15
CA LEU E 305 15.34 -35.28 45.31
C LEU E 305 14.62 -34.80 44.05
N THR E 306 13.56 -34.01 44.26
CA THR E 306 12.82 -33.41 43.16
C THR E 306 12.53 -31.93 43.37
N THR E 307 12.92 -31.37 44.51
CA THR E 307 12.74 -29.95 44.83
C THR E 307 11.37 -29.45 44.35
N CYS E 308 10.33 -30.09 44.89
CA CYS E 308 8.97 -29.79 44.46
C CYS E 308 8.59 -28.36 44.87
N GLY E 309 7.46 -27.91 44.33
CA GLY E 309 7.09 -26.51 44.39
C GLY E 309 6.49 -26.04 45.70
N VAL E 310 5.54 -25.10 45.61
CA VAL E 310 5.01 -24.39 46.77
C VAL E 310 4.26 -25.35 47.68
N VAL E 311 3.43 -26.21 47.09
CA VAL E 311 2.63 -27.15 47.88
C VAL E 311 3.30 -28.51 47.83
N TYR E 312 2.87 -29.43 48.70
CA TYR E 312 3.64 -30.64 48.95
C TYR E 312 3.77 -31.51 47.70
N PRO E 313 2.68 -32.08 47.18
CA PRO E 313 2.82 -33.03 46.07
C PRO E 313 2.76 -32.38 44.69
N LEU E 314 3.54 -31.31 44.50
CA LEU E 314 3.52 -30.59 43.21
C LEU E 314 4.97 -30.25 42.86
N SER E 315 5.51 -30.96 41.87
CA SER E 315 6.86 -30.68 41.42
C SER E 315 6.98 -29.24 40.92
N LYS E 316 8.12 -28.61 41.19
CA LYS E 316 8.31 -27.22 40.77
C LYS E 316 8.19 -27.09 39.26
N ASN E 317 8.78 -28.03 38.51
CA ASN E 317 8.71 -27.96 37.06
C ASN E 317 7.26 -28.04 36.58
N HIS E 318 6.47 -28.93 37.18
CA HIS E 318 5.07 -29.05 36.78
C HIS E 318 4.33 -27.75 36.98
N LEU E 319 4.49 -27.12 38.14
CA LEU E 319 3.74 -25.89 38.41
C LEU E 319 4.25 -24.74 37.55
N VAL E 320 5.55 -24.71 37.24
CA VAL E 320 6.06 -23.68 36.35
C VAL E 320 5.51 -23.87 34.95
N VAL E 321 5.39 -25.11 34.48
CA VAL E 321 4.77 -25.38 33.19
C VAL E 321 3.32 -24.92 33.19
N LEU E 322 2.60 -25.20 34.28
CA LEU E 322 1.23 -24.75 34.40
C LEU E 322 1.15 -23.23 34.33
N ALA E 323 2.06 -22.55 35.02
CA ALA E 323 2.05 -21.09 35.02
C ALA E 323 2.34 -20.54 33.64
N ILE E 324 3.29 -21.13 32.92
CA ILE E 324 3.58 -20.70 31.56
C ILE E 324 2.35 -20.89 30.68
N ALA E 325 1.72 -22.06 30.77
CA ALA E 325 0.55 -22.32 29.94
C ALA E 325 -0.58 -21.34 30.24
N PHE E 326 -0.82 -21.04 31.51
CA PHE E 326 -1.84 -20.07 31.86
C PHE E 326 -1.49 -18.67 31.38
N PHE E 327 -0.23 -18.26 31.51
CA PHE E 327 0.16 -16.93 31.05
C PHE E 327 0.01 -16.79 29.54
N MET E 328 0.31 -17.84 28.78
CA MET E 328 0.03 -17.79 27.35
C MET E 328 -1.47 -17.62 27.10
N VAL E 329 -2.30 -18.36 27.83
CA VAL E 329 -3.74 -18.22 27.71
C VAL E 329 -4.25 -16.87 28.18
N PHE E 330 -3.47 -16.16 28.99
CA PHE E 330 -3.87 -14.82 29.41
C PHE E 330 -3.60 -13.77 28.35
N GLY E 331 -2.95 -14.14 27.25
CA GLY E 331 -2.77 -13.24 26.14
C GLY E 331 -3.81 -13.46 25.06
N ILE E 332 -4.08 -14.73 24.74
CA ILE E 332 -5.11 -15.05 23.76
C ILE E 332 -6.44 -14.45 24.18
N MET E 333 -6.68 -14.37 25.49
CA MET E 333 -7.90 -13.78 26.01
C MET E 333 -7.78 -12.29 26.24
N LEU E 334 -6.56 -11.75 26.30
CA LEU E 334 -6.40 -10.32 26.55
C LEU E 334 -6.77 -9.50 25.33
N GLN E 335 -6.37 -9.94 24.13
CA GLN E 335 -6.68 -9.19 22.92
C GLN E 335 -8.13 -9.38 22.47
N LEU E 336 -8.80 -10.43 22.91
CA LEU E 336 -10.18 -10.63 22.52
C LEU E 336 -11.08 -9.53 23.07
N TYR E 337 -10.75 -9.05 24.27
CA TYR E 337 -11.53 -7.95 24.89
C TYR E 337 -11.32 -6.66 24.09
N ALA E 338 -10.09 -6.41 23.62
CA ALA E 338 -9.82 -5.25 22.79
C ALA E 338 -10.52 -5.36 21.45
N GLN E 339 -10.52 -6.56 20.85
CA GLN E 339 -11.23 -6.76 19.60
C GLN E 339 -12.72 -6.55 19.77
N ILE E 340 -13.28 -7.01 20.89
CA ILE E 340 -14.71 -6.80 21.16
C ILE E 340 -15.01 -5.31 21.24
N CYS E 341 -14.16 -4.57 21.95
CA CYS E 341 -14.36 -3.12 22.05
C CYS E 341 -14.26 -2.46 20.67
N ARG E 342 -13.30 -2.90 19.87
CA ARG E 342 -13.15 -2.34 18.52
C ARG E 342 -14.41 -2.58 17.69
N ILE E 343 -14.91 -3.82 17.69
CA ILE E 343 -16.09 -4.14 16.90
C ILE E 343 -17.28 -3.34 17.39
N VAL E 344 -17.45 -3.26 18.71
CA VAL E 344 -18.60 -2.56 19.27
C VAL E 344 -18.56 -1.09 18.89
N CYS E 345 -17.39 -0.45 19.02
CA CYS E 345 -17.32 0.98 18.76
C CYS E 345 -17.40 1.29 17.28
N ARG E 346 -16.90 0.39 16.43
CA ARG E 346 -16.91 0.65 14.98
C ARG E 346 -18.26 0.32 14.35
N HIS E 347 -18.66 -0.95 14.41
CA HIS E 347 -19.91 -1.36 13.78
C HIS E 347 -21.11 -0.67 14.42
N ALA E 348 -21.13 -0.58 15.74
CA ALA E 348 -22.23 0.05 16.46
C ALA E 348 -21.74 1.29 17.20
N GLY E 369 -21.80 -1.37 27.82
CA GLY E 369 -21.32 -2.66 27.34
C GLY E 369 -19.86 -2.90 27.69
N ILE E 370 -19.05 -1.85 27.60
CA ILE E 370 -17.62 -1.98 27.92
C ILE E 370 -17.44 -2.30 29.40
N ALA E 371 -18.30 -1.74 30.25
CA ALA E 371 -18.10 -1.85 31.69
C ALA E 371 -18.14 -3.31 32.16
N THR E 372 -19.11 -4.09 31.67
CA THR E 372 -19.23 -5.46 32.13
C THR E 372 -18.04 -6.30 31.68
N LEU E 373 -17.58 -6.10 30.44
CA LEU E 373 -16.39 -6.81 29.97
C LEU E 373 -15.17 -6.44 30.82
N ALA E 374 -15.01 -5.15 31.12
CA ALA E 374 -13.88 -4.73 31.94
C ALA E 374 -13.96 -5.35 33.33
N VAL E 375 -15.16 -5.40 33.91
CA VAL E 375 -15.30 -5.99 35.24
C VAL E 375 -14.97 -7.47 35.22
N VAL E 376 -15.42 -8.18 34.19
CA VAL E 376 -15.11 -9.60 34.08
C VAL E 376 -13.60 -9.81 33.99
N LEU E 377 -12.94 -9.04 33.12
CA LEU E 377 -11.49 -9.17 32.99
C LEU E 377 -10.79 -8.87 34.31
N GLY E 378 -11.19 -7.80 34.99
CA GLY E 378 -10.57 -7.45 36.25
C GLY E 378 -10.76 -8.52 37.30
N ALA E 379 -11.97 -9.07 37.40
CA ALA E 379 -12.21 -10.13 38.37
C ALA E 379 -11.34 -11.34 38.07
N PHE E 380 -11.31 -11.78 36.81
CA PHE E 380 -10.48 -12.92 36.45
C PHE E 380 -9.03 -12.68 36.84
N ALA E 381 -8.48 -11.55 36.42
CA ALA E 381 -7.06 -11.27 36.68
C ALA E 381 -6.79 -11.20 38.18
N ALA E 382 -7.56 -10.38 38.91
CA ALA E 382 -7.29 -10.18 40.32
C ALA E 382 -7.42 -11.47 41.12
N CYS E 383 -8.45 -12.26 40.83
CA CYS E 383 -8.74 -13.42 41.66
C CYS E 383 -8.09 -14.70 41.19
N TRP E 384 -7.34 -14.76 40.08
CA TRP E 384 -6.58 -15.99 39.73
C TRP E 384 -5.16 -15.68 39.23
N LEU E 385 -4.71 -14.41 39.27
CA LEU E 385 -3.31 -14.14 38.97
C LEU E 385 -2.40 -14.41 40.16
N PRO E 386 -2.78 -14.02 41.38
CA PRO E 386 -1.82 -14.10 42.49
C PRO E 386 -1.20 -15.47 42.68
N PHE E 387 -1.97 -16.55 42.52
CA PHE E 387 -1.40 -17.87 42.75
C PHE E 387 -0.34 -18.22 41.71
N THR E 388 -0.59 -17.89 40.45
CA THR E 388 0.32 -18.29 39.38
C THR E 388 1.61 -17.49 39.37
N VAL E 389 1.63 -16.31 39.99
CA VAL E 389 2.85 -15.52 40.09
C VAL E 389 3.62 -15.82 41.37
N TYR E 390 3.01 -16.52 42.33
CA TYR E 390 3.66 -16.85 43.60
C TYR E 390 4.25 -18.26 43.60
N CYS E 391 4.69 -18.75 42.44
CA CYS E 391 5.45 -19.98 42.38
C CYS E 391 6.73 -19.77 41.59
N LEU E 392 6.73 -18.79 40.68
CA LEU E 392 7.95 -18.44 39.96
C LEU E 392 8.94 -17.76 40.90
N LEU E 393 8.47 -16.77 41.67
CA LEU E 393 9.35 -16.05 42.59
C LEU E 393 9.90 -17.00 43.65
N GLY E 394 9.02 -17.55 44.47
CA GLY E 394 9.45 -18.52 45.47
C GLY E 394 9.67 -19.89 44.87
N ASP E 395 10.44 -20.71 45.58
CA ASP E 395 10.76 -22.06 45.12
C ASP E 395 10.16 -23.12 46.04
N ALA E 396 10.49 -23.09 47.33
CA ALA E 396 9.96 -24.07 48.28
C ALA E 396 10.35 -23.69 49.69
N HIS E 397 10.01 -24.54 50.66
CA HIS E 397 10.43 -24.36 52.05
C HIS E 397 9.98 -23.02 52.60
N SER E 398 8.82 -22.53 52.16
CA SER E 398 8.25 -21.28 52.61
C SER E 398 7.07 -21.54 53.54
N PRO E 399 6.74 -20.59 54.42
CA PRO E 399 5.65 -20.80 55.36
C PRO E 399 4.35 -21.11 54.63
N PRO E 400 3.57 -22.08 55.10
CA PRO E 400 2.28 -22.37 54.44
C PRO E 400 1.28 -21.23 54.54
N LEU E 401 1.49 -20.25 55.42
CA LEU E 401 0.55 -19.16 55.55
C LEU E 401 0.40 -18.40 54.23
N TYR E 402 1.52 -18.10 53.58
CA TYR E 402 1.46 -17.43 52.29
C TYR E 402 0.77 -18.32 51.25
N THR E 403 1.04 -19.62 51.28
CA THR E 403 0.39 -20.52 50.34
C THR E 403 -1.13 -20.47 50.49
N TYR E 404 -1.61 -20.53 51.73
CA TYR E 404 -3.05 -20.49 51.96
C TYR E 404 -3.63 -19.15 51.54
N LEU E 405 -2.97 -18.05 51.92
CA LEU E 405 -3.47 -16.73 51.57
C LEU E 405 -3.47 -16.48 50.07
N THR E 406 -2.59 -17.17 49.34
CA THR E 406 -2.53 -17.00 47.89
C THR E 406 -3.47 -17.94 47.15
N LEU E 407 -3.78 -19.10 47.74
CA LEU E 407 -4.73 -20.02 47.14
C LEU E 407 -6.18 -19.70 47.51
N LEU E 408 -6.41 -18.86 48.52
CA LEU E 408 -7.79 -18.53 48.88
C LEU E 408 -8.55 -17.88 47.74
N PRO E 409 -8.01 -16.91 46.99
CA PRO E 409 -8.81 -16.25 45.95
C PRO E 409 -9.30 -17.18 44.86
N ALA E 410 -8.67 -18.34 44.68
CA ALA E 410 -9.12 -19.29 43.65
C ALA E 410 -10.54 -19.74 43.92
N THR E 411 -10.86 -20.05 45.18
CA THR E 411 -12.22 -20.47 45.52
C THR E 411 -13.21 -19.32 45.29
N TYR E 412 -12.81 -18.10 45.62
CA TYR E 412 -13.70 -16.96 45.39
C TYR E 412 -14.01 -16.81 43.91
N ASN E 413 -12.99 -16.94 43.05
CA ASN E 413 -13.22 -16.89 41.61
C ASN E 413 -14.15 -18.03 41.18
N SER E 414 -13.88 -19.24 41.68
CA SER E 414 -14.67 -20.40 41.30
C SER E 414 -16.15 -20.19 41.65
N MET E 415 -16.41 -19.58 42.81
CA MET E 415 -17.79 -19.29 43.19
C MET E 415 -18.38 -18.16 42.33
N ILE E 416 -17.63 -17.08 42.16
CA ILE E 416 -18.20 -15.87 41.57
C ILE E 416 -18.47 -16.05 40.07
N ASN E 417 -17.74 -16.94 39.40
CA ASN E 417 -17.92 -17.05 37.95
C ASN E 417 -19.39 -17.31 37.60
N PRO E 418 -19.94 -18.48 37.94
CA PRO E 418 -21.31 -18.79 37.48
C PRO E 418 -22.36 -17.83 38.02
N ILE E 419 -22.09 -17.12 39.12
CA ILE E 419 -23.09 -16.23 39.69
C ILE E 419 -23.45 -15.12 38.71
N ILE E 420 -22.43 -14.48 38.12
CA ILE E 420 -22.65 -13.39 37.19
C ILE E 420 -22.46 -13.80 35.74
N TYR E 421 -22.03 -15.03 35.48
CA TYR E 421 -21.69 -15.43 34.08
C TYR E 421 -22.93 -15.94 33.35
N ALA E 422 -23.68 -16.84 33.96
CA ALA E 422 -24.82 -17.45 33.29
C ALA E 422 -26.14 -17.33 34.04
N PHE E 423 -26.14 -16.82 35.28
CA PHE E 423 -27.33 -16.73 36.10
C PHE E 423 -27.99 -15.35 36.01
N ARG E 424 -27.86 -14.68 34.87
CA ARG E 424 -28.42 -13.34 34.70
C ARG E 424 -29.55 -13.29 33.68
N ASN E 425 -29.41 -13.97 32.54
CA ASN E 425 -30.47 -13.97 31.55
C ASN E 425 -31.66 -14.81 32.04
N GLN E 426 -32.78 -14.66 31.34
CA GLN E 426 -34.00 -15.38 31.70
C GLN E 426 -33.86 -16.89 31.52
N ASP E 427 -32.82 -17.35 30.82
CA ASP E 427 -32.67 -18.77 30.52
C ASP E 427 -32.81 -19.64 31.77
N VAL E 428 -32.24 -19.19 32.89
CA VAL E 428 -32.21 -20.01 34.10
C VAL E 428 -33.47 -19.81 34.93
N GLN E 429 -33.82 -18.56 35.21
CA GLN E 429 -34.97 -18.29 36.10
C GLN E 429 -36.27 -18.78 35.47
N LYS E 430 -36.43 -18.62 34.15
CA LYS E 430 -37.66 -19.06 33.51
C LYS E 430 -37.89 -20.55 33.72
N VAL E 431 -36.84 -21.35 33.54
CA VAL E 431 -36.98 -22.79 33.75
C VAL E 431 -37.16 -23.11 35.22
N LEU E 432 -36.38 -22.47 36.09
CA LEU E 432 -36.43 -22.81 37.51
C LEU E 432 -37.80 -22.52 38.11
N TRP E 433 -38.39 -21.38 37.77
CA TRP E 433 -39.67 -21.01 38.36
C TRP E 433 -40.77 -21.99 37.99
N ALA E 434 -40.80 -22.42 36.73
CA ALA E 434 -41.81 -23.35 36.26
C ALA E 434 -41.41 -24.79 36.60
C10 A1EM2 F . -2.20 -5.27 21.20
C13 A1EM2 F . -3.68 -2.86 19.94
C15 A1EM2 F . -3.83 -0.41 19.50
C17 A1EM2 F . -2.11 1.24 19.51
C20 A1EM2 F . -4.75 0.53 19.90
C22 A1EM2 F . -5.66 -3.43 18.21
C24 A1EM2 F . -6.62 -5.30 17.56
C28 A1EM2 F . -3.81 -4.69 24.61
CL01 A1EM2 F . -3.51 -2.80 26.63
C02 A1EM2 F . -3.14 -3.53 25.07
C03 A1EM2 F . -2.18 -2.93 24.30
C04 A1EM2 F . -1.85 -3.46 23.08
O05 A1EM2 F . -0.84 -2.81 22.30
C06 A1EM2 F . 0.45 -2.67 22.86
C07 A1EM2 F . 0.62 -1.15 23.20
C08 A1EM2 F . 1.45 -3.20 21.83
C09 A1EM2 F . -2.52 -4.61 22.62
N11 A1EM2 F . -3.46 -5.33 20.44
C12 A1EM2 F . -4.09 -4.18 19.73
C14 A1EM2 F . -4.27 -1.86 19.27
C16 A1EM2 F . -2.52 -0.09 19.31
C18 A1EM2 F . -3.01 2.18 19.91
C19 A1EM2 F . -4.33 1.84 20.10
N21 A1EM2 F . -5.25 -2.11 18.42
N23 A1EM2 F . -6.63 -3.96 17.38
N25 A1EM2 F . -5.69 -5.59 18.44
N26 A1EM2 F . -5.08 -4.40 18.86
C27 A1EM2 F . -3.50 -5.22 23.42
C10 A1EM2 G . -8.60 -18.41 19.92
C13 A1EM2 G . -9.84 -19.88 17.57
C15 A1EM2 G . -10.73 -21.94 16.55
C17 A1EM2 G . -11.39 -23.99 17.57
C20 A1EM2 G . -10.33 -22.62 15.43
C22 A1EM2 G . -10.95 -18.29 15.71
C24 A1EM2 G . -10.98 -16.10 15.39
C28 A1EM2 G . -5.04 -19.48 18.99
CL01 A1EM2 G . -3.61 -21.86 19.21
C02 A1EM2 G . -5.03 -20.82 19.39
C03 A1EM2 G . -6.15 -21.39 19.95
C04 A1EM2 G . -7.30 -20.64 20.15
O05 A1EM2 G . -8.48 -21.20 20.72
C06 A1EM2 G . -8.44 -22.24 21.70
C07 A1EM2 G . -8.89 -23.56 20.97
C08 A1EM2 G . -9.41 -21.84 22.81
C09 A1EM2 G . -7.30 -19.33 19.75
N11 A1EM2 G . -8.91 -17.79 18.63
C12 A1EM2 G . -9.69 -18.49 17.60
C14 A1EM2 G . -10.56 -20.44 16.59
C16 A1EM2 G . -11.25 -22.58 17.62
C18 A1EM2 G . -11.00 -24.68 16.46
C19 A1EM2 G . -10.47 -24.01 15.38
N21 A1EM2 G . -11.11 -19.69 15.65
N23 A1EM2 G . -11.42 -17.29 14.88
N25 A1EM2 G . -10.26 -16.37 16.48
N26 A1EM2 G . -10.26 -17.75 16.66
C27 A1EM2 G . -6.16 -18.75 19.17
O2S 1DO H . -12.22 -21.78 6.84
C1 1DO H . -11.45 -20.99 7.69
C2 1DO H . -10.61 -21.90 8.58
C3 1DO H . -9.68 -21.12 9.51
C4 1DO H . -9.00 -22.02 10.53
C5 1DO H . -8.10 -21.25 11.48
C6 1DO H . -7.31 -22.18 12.40
C7 1DO H . -6.63 -21.44 13.55
C8 1DO H . -5.59 -22.30 14.25
C9 1DO H . -5.97 -22.62 15.69
C10 1DO H . -5.02 -23.65 16.32
C11 1DO H . -5.63 -24.32 17.55
C12 1DO H . -4.75 -25.44 18.09
#